data_4RHX
#
_entry.id   4RHX
#
_cell.length_a   53.439
_cell.length_b   85.723
_cell.length_c   88.139
_cell.angle_alpha   90.00
_cell.angle_beta   98.77
_cell.angle_gamma   90.00
#
_symmetry.space_group_name_H-M   'P 1 21 1'
#
loop_
_entity.id
_entity.type
_entity.pdbx_description
1 polymer 'Hypoxanthine-guanine phosphoribosyltransferase'
2 non-polymer '[2-([2-(2-amino-6-oxo-1,6-dihydro-9H-purin-9-yl)ethyl]{2-[(2-oxoethyl)(2-phosphonoethyl)amino]ethyl}amino)ethyl]phosphonic acid'
3 non-polymer 'MAGNESIUM ION'
4 water water
#
_entity_poly.entity_id   1
_entity_poly.type   'polypeptide(L)'
_entity_poly.pdbx_seq_one_letter_code
;HVTQSSSAITPGQTAELYPGDIKSVLLTAEQIQARIAELGEQIGNDYRELSATTGQDLLLITVLKGAVLFVTDLARAIPV
PTQFEFMAVSSYGSSTSSSGVVRILKDLDRDIHGRDVLIVEDVVDSGLTLSWLSRNLTSRNPRSLRVCTLLRKPDAVHAN
VEIAYVGFDIPNDFVVGYGLDYDERYRDLSYIGTLDPRVYQ
;
_entity_poly.pdbx_strand_id   A,B,C,D
#
# COMPACT_ATOMS: atom_id res chain seq x y z
N GLU A 16 -22.56 25.64 24.47
CA GLU A 16 -21.36 25.15 23.80
C GLU A 16 -21.28 23.62 23.86
N LEU A 17 -20.73 23.02 22.80
CA LEU A 17 -20.66 21.57 22.68
C LEU A 17 -19.75 20.90 23.71
N TYR A 18 -18.51 21.39 23.84
CA TYR A 18 -17.53 20.77 24.74
C TYR A 18 -17.04 21.74 25.82
N PRO A 19 -17.85 21.95 26.87
CA PRO A 19 -17.62 22.97 27.89
C PRO A 19 -16.22 22.92 28.51
N GLY A 20 -15.40 23.91 28.20
CA GLY A 20 -14.08 24.05 28.79
C GLY A 20 -12.93 23.48 27.98
N ASP A 21 -13.25 22.58 27.05
CA ASP A 21 -12.23 21.87 26.30
C ASP A 21 -11.44 22.77 25.34
N ILE A 22 -12.11 23.73 24.71
CA ILE A 22 -11.45 24.62 23.76
C ILE A 22 -10.85 25.82 24.47
N LYS A 23 -9.54 26.01 24.28
CA LYS A 23 -8.82 27.11 24.91
C LYS A 23 -9.05 28.42 24.17
N SER A 24 -8.96 28.38 22.85
CA SER A 24 -9.15 29.57 22.03
C SER A 24 -9.61 29.20 20.63
N VAL A 25 -10.16 30.18 19.91
CA VAL A 25 -10.62 29.96 18.54
C VAL A 25 -9.60 30.53 17.56
N LEU A 26 -9.09 29.67 16.68
CA LEU A 26 -8.12 30.10 15.68
C LEU A 26 -8.83 30.72 14.47
N LEU A 27 -9.84 30.03 13.98
CA LEU A 27 -10.62 30.48 12.85
C LEU A 27 -12.11 30.32 13.15
N THR A 28 -12.87 31.41 13.09
CA THR A 28 -14.30 31.35 13.37
C THR A 28 -15.04 30.69 12.22
N ALA A 29 -16.31 30.34 12.45
CA ALA A 29 -17.11 29.69 11.43
C ALA A 29 -17.29 30.57 10.20
N GLU A 30 -17.53 31.85 10.42
CA GLU A 30 -17.75 32.77 9.31
C GLU A 30 -16.46 33.00 8.50
N GLN A 31 -15.34 33.06 9.19
CA GLN A 31 -14.04 33.24 8.53
C GLN A 31 -13.72 32.06 7.61
N ILE A 32 -14.03 30.86 8.09
CA ILE A 32 -13.82 29.65 7.30
C ILE A 32 -14.70 29.66 6.05
N GLN A 33 -15.99 29.96 6.24
CA GLN A 33 -16.93 29.98 5.12
C GLN A 33 -16.59 31.08 4.11
N ALA A 34 -16.14 32.23 4.59
CA ALA A 34 -15.77 33.33 3.71
C ALA A 34 -14.56 32.98 2.85
N ARG A 35 -13.58 32.30 3.46
CA ARG A 35 -12.38 31.89 2.73
C ARG A 35 -12.71 30.81 1.71
N ILE A 36 -13.58 29.89 2.10
CA ILE A 36 -13.99 28.79 1.22
C ILE A 36 -14.73 29.32 0.00
N ALA A 37 -15.52 30.37 0.18
CA ALA A 37 -16.19 31.02 -0.94
C ALA A 37 -15.17 31.61 -1.92
N GLU A 38 -14.09 32.16 -1.38
CA GLU A 38 -12.99 32.67 -2.20
C GLU A 38 -12.31 31.55 -2.97
N LEU A 39 -12.03 30.45 -2.26
CA LEU A 39 -11.39 29.28 -2.87
C LEU A 39 -12.26 28.69 -3.97
N GLY A 40 -13.54 28.54 -3.69
CA GLY A 40 -14.48 27.98 -4.65
C GLY A 40 -14.51 28.76 -5.94
N GLU A 41 -14.51 30.09 -5.82
CA GLU A 41 -14.53 30.96 -6.99
C GLU A 41 -13.23 30.85 -7.76
N GLN A 42 -12.11 30.78 -7.03
CA GLN A 42 -10.80 30.65 -7.65
C GLN A 42 -10.68 29.34 -8.43
N ILE A 43 -11.06 28.24 -7.79
CA ILE A 43 -11.04 26.93 -8.42
C ILE A 43 -11.99 26.90 -9.62
N GLY A 44 -13.15 27.54 -9.47
CA GLY A 44 -14.12 27.64 -10.53
C GLY A 44 -13.56 28.32 -11.77
N ASN A 45 -12.74 29.35 -11.55
CA ASN A 45 -12.11 30.06 -12.66
C ASN A 45 -11.07 29.22 -13.38
N ASP A 46 -10.33 28.42 -12.62
CA ASP A 46 -9.27 27.58 -13.17
C ASP A 46 -9.83 26.39 -13.96
N TYR A 47 -11.06 26.00 -13.66
CA TYR A 47 -11.69 24.86 -14.32
C TYR A 47 -12.95 25.26 -15.05
N ARG A 48 -13.04 26.54 -15.42
CA ARG A 48 -14.22 27.12 -16.04
C ARG A 48 -14.67 26.39 -17.30
N GLU A 49 -13.71 25.91 -18.09
CA GLU A 49 -14.01 25.31 -19.38
C GLU A 49 -13.90 23.79 -19.38
N LEU A 50 -13.68 23.22 -18.20
CA LEU A 50 -13.43 21.79 -18.08
C LEU A 50 -14.57 20.92 -18.59
N SER A 51 -15.78 21.17 -18.11
CA SER A 51 -16.94 20.37 -18.48
C SER A 51 -17.27 20.49 -19.96
N ALA A 52 -17.07 21.67 -20.53
CA ALA A 52 -17.39 21.90 -21.93
C ALA A 52 -16.34 21.28 -22.85
N THR A 53 -15.10 21.24 -22.40
CA THR A 53 -13.99 20.74 -23.22
C THR A 53 -13.87 19.22 -23.17
N THR A 54 -13.85 18.67 -21.96
CA THR A 54 -13.61 17.25 -21.78
C THR A 54 -14.90 16.43 -21.69
N GLY A 55 -16.00 17.10 -21.39
CA GLY A 55 -17.27 16.42 -21.24
C GLY A 55 -17.43 15.75 -19.88
N GLN A 56 -16.46 15.97 -19.00
CA GLN A 56 -16.51 15.39 -17.66
C GLN A 56 -16.25 16.45 -16.60
N ASP A 57 -16.84 16.25 -15.42
CA ASP A 57 -16.77 17.25 -14.36
C ASP A 57 -15.50 17.13 -13.53
N LEU A 58 -15.17 18.21 -12.82
CA LEU A 58 -14.05 18.22 -11.89
C LEU A 58 -14.29 17.22 -10.77
N LEU A 59 -13.30 16.37 -10.52
CA LEU A 59 -13.45 15.30 -9.54
C LEU A 59 -12.75 15.66 -8.23
N LEU A 60 -13.53 15.71 -7.15
CA LEU A 60 -12.99 15.99 -5.82
C LEU A 60 -12.78 14.71 -5.04
N ILE A 61 -11.52 14.40 -4.75
CA ILE A 61 -11.19 13.23 -3.95
C ILE A 61 -10.99 13.64 -2.50
N THR A 62 -11.96 13.30 -1.67
CA THR A 62 -11.92 13.70 -0.26
C THR A 62 -11.18 12.68 0.59
N VAL A 63 -10.22 13.16 1.37
CA VAL A 63 -9.50 12.30 2.29
C VAL A 63 -10.20 12.28 3.64
N LEU A 64 -10.94 11.21 3.89
CA LEU A 64 -11.66 11.02 5.15
C LEU A 64 -10.68 10.96 6.33
N LYS A 65 -11.12 11.38 7.51
CA LYS A 65 -12.44 11.96 7.73
C LYS A 65 -12.37 13.48 7.88
N GLY A 66 -11.16 13.99 8.08
CA GLY A 66 -10.98 15.40 8.38
C GLY A 66 -11.44 16.39 7.32
N ALA A 67 -11.51 15.95 6.07
CA ALA A 67 -11.82 16.86 4.97
C ALA A 67 -13.29 16.85 4.55
N VAL A 68 -14.12 16.10 5.27
CA VAL A 68 -15.52 15.94 4.90
C VAL A 68 -16.33 17.24 4.97
N LEU A 69 -16.19 17.98 6.07
CA LEU A 69 -16.92 19.24 6.18
C LEU A 69 -16.42 20.23 5.13
N PHE A 70 -15.11 20.29 4.98
CA PHE A 70 -14.46 21.16 4.00
C PHE A 70 -15.01 20.93 2.59
N VAL A 71 -15.07 19.68 2.16
CA VAL A 71 -15.40 19.39 0.76
C VAL A 71 -16.88 19.65 0.44
N THR A 72 -17.76 19.52 1.41
CA THR A 72 -19.18 19.75 1.17
C THR A 72 -19.45 21.25 1.02
N ASP A 73 -18.73 22.06 1.79
CA ASP A 73 -18.84 23.50 1.67
C ASP A 73 -18.10 24.00 0.42
N LEU A 74 -16.93 23.42 0.17
CA LEU A 74 -16.12 23.81 -0.98
C LEU A 74 -16.84 23.54 -2.29
N ALA A 75 -17.38 22.33 -2.45
CA ALA A 75 -18.07 21.94 -3.67
C ALA A 75 -19.27 22.84 -3.95
N ARG A 76 -19.95 23.26 -2.90
CA ARG A 76 -21.09 24.15 -3.04
C ARG A 76 -20.63 25.56 -3.40
N ALA A 77 -19.36 25.86 -3.12
CA ALA A 77 -18.80 27.17 -3.41
C ALA A 77 -18.13 27.22 -4.79
N ILE A 78 -17.92 26.05 -5.38
CA ILE A 78 -17.33 25.95 -6.70
C ILE A 78 -18.41 26.07 -7.78
N PRO A 79 -18.34 27.12 -8.61
CA PRO A 79 -19.38 27.43 -9.61
C PRO A 79 -19.31 26.60 -10.88
N VAL A 80 -18.60 25.47 -10.86
CA VAL A 80 -18.63 24.53 -11.97
C VAL A 80 -19.02 23.15 -11.43
N PRO A 81 -19.55 22.28 -12.29
CA PRO A 81 -19.95 20.93 -11.83
C PRO A 81 -18.80 20.15 -11.19
N THR A 82 -19.05 19.59 -10.01
CA THR A 82 -18.05 18.79 -9.32
C THR A 82 -18.61 17.43 -8.94
N GLN A 83 -17.74 16.42 -8.92
CA GLN A 83 -18.13 15.07 -8.54
C GLN A 83 -17.43 14.64 -7.25
N PHE A 84 -18.16 13.95 -6.38
CA PHE A 84 -17.63 13.51 -5.10
C PHE A 84 -17.07 12.08 -5.13
N GLU A 85 -15.84 11.94 -4.65
CA GLU A 85 -15.28 10.62 -4.34
C GLU A 85 -14.59 10.71 -2.99
N PHE A 86 -14.49 9.57 -2.31
CA PHE A 86 -13.94 9.56 -0.96
C PHE A 86 -12.94 8.43 -0.76
N MET A 87 -11.88 8.68 -0.02
CA MET A 87 -10.94 7.63 0.33
C MET A 87 -10.29 7.87 1.69
N ALA A 88 -9.73 6.82 2.27
CA ALA A 88 -9.07 6.90 3.56
C ALA A 88 -7.77 6.11 3.53
N VAL A 89 -6.72 6.68 4.12
CA VAL A 89 -5.42 6.02 4.17
C VAL A 89 -4.96 5.86 5.61
N SER A 90 -4.10 4.87 5.84
CA SER A 90 -3.62 4.59 7.18
C SER A 90 -2.60 5.65 7.63
N SER A 91 -2.22 5.58 8.90
CA SER A 91 -1.36 6.59 9.50
C SER A 91 0.09 6.13 9.57
N TYR A 92 1.01 7.10 9.65
CA TYR A 92 2.40 6.79 9.91
C TYR A 92 2.62 6.55 11.40
N GLY A 93 1.59 6.81 12.19
CA GLY A 93 1.64 6.59 13.62
C GLY A 93 2.43 7.67 14.35
N SER A 98 2.95 0.93 16.32
CA SER A 98 3.02 0.19 15.07
C SER A 98 1.72 0.31 14.28
N SER A 99 1.73 1.15 13.25
CA SER A 99 0.54 1.43 12.47
C SER A 99 0.46 0.56 11.21
N GLY A 100 1.53 -0.20 10.94
CA GLY A 100 1.57 -1.05 9.76
C GLY A 100 1.95 -0.27 8.51
N VAL A 101 1.99 -0.95 7.38
CA VAL A 101 2.38 -0.31 6.12
C VAL A 101 1.35 0.74 5.72
N VAL A 102 1.82 1.80 5.09
CA VAL A 102 0.92 2.82 4.58
C VAL A 102 0.06 2.20 3.50
N ARG A 103 -1.25 2.30 3.66
CA ARG A 103 -2.17 1.58 2.79
C ARG A 103 -3.51 2.27 2.70
N ILE A 104 -4.29 1.89 1.70
CA ILE A 104 -5.64 2.39 1.54
C ILE A 104 -6.59 1.63 2.46
N LEU A 105 -7.26 2.37 3.34
CA LEU A 105 -8.25 1.77 4.24
C LEU A 105 -9.61 1.77 3.55
N LYS A 106 -9.86 2.82 2.77
N LYS A 106 -9.81 2.79 2.73
CA LYS A 106 -11.10 2.92 1.99
CA LYS A 106 -11.04 2.97 1.98
C LYS A 106 -10.76 3.43 0.59
C LYS A 106 -10.71 3.44 0.58
N ASP A 107 -11.09 2.66 -0.43
CA ASP A 107 -10.71 2.98 -1.80
C ASP A 107 -11.76 3.75 -2.59
N LEU A 108 -11.33 4.34 -3.68
CA LEU A 108 -12.21 5.06 -4.59
C LEU A 108 -13.25 4.13 -5.20
N ASP A 109 -14.45 4.66 -5.42
CA ASP A 109 -15.53 3.88 -6.02
C ASP A 109 -15.39 3.83 -7.53
N ARG A 110 -15.09 4.98 -8.14
CA ARG A 110 -14.96 5.08 -9.59
C ARG A 110 -13.51 5.14 -10.03
N ASP A 111 -13.27 4.80 -11.29
CA ASP A 111 -11.95 4.91 -11.90
C ASP A 111 -11.67 6.38 -12.24
N ILE A 112 -10.44 6.83 -11.97
CA ILE A 112 -10.09 8.23 -12.21
C ILE A 112 -9.22 8.40 -13.46
N HIS A 113 -9.13 7.34 -14.26
CA HIS A 113 -8.35 7.40 -15.50
C HIS A 113 -8.88 8.48 -16.42
N GLY A 114 -8.00 9.40 -16.81
CA GLY A 114 -8.36 10.46 -17.74
C GLY A 114 -9.23 11.55 -17.13
N ARG A 115 -9.43 11.49 -15.83
CA ARG A 115 -10.22 12.49 -15.13
C ARG A 115 -9.35 13.61 -14.59
N ASP A 116 -9.93 14.80 -14.45
CA ASP A 116 -9.23 15.91 -13.80
C ASP A 116 -9.57 15.93 -12.31
N VAL A 117 -8.55 15.72 -11.50
CA VAL A 117 -8.75 15.41 -10.09
C VAL A 117 -8.17 16.48 -9.15
N LEU A 118 -8.93 16.80 -8.12
CA LEU A 118 -8.46 17.68 -7.06
C LEU A 118 -8.46 16.95 -5.73
N ILE A 119 -7.28 16.77 -5.15
CA ILE A 119 -7.18 16.17 -3.82
C ILE A 119 -7.60 17.19 -2.77
N VAL A 120 -8.61 16.84 -1.98
CA VAL A 120 -9.12 17.75 -0.96
C VAL A 120 -8.74 17.27 0.43
N GLU A 121 -7.88 18.04 1.11
CA GLU A 121 -7.42 17.69 2.44
C GLU A 121 -7.80 18.74 3.47
N ASP A 122 -7.80 18.34 4.74
CA ASP A 122 -8.07 19.27 5.84
C ASP A 122 -6.79 20.01 6.22
N VAL A 123 -5.69 19.29 6.33
CA VAL A 123 -4.42 19.89 6.70
C VAL A 123 -3.23 19.16 6.10
N VAL A 124 -2.24 19.93 5.65
CA VAL A 124 -0.96 19.38 5.23
C VAL A 124 0.10 19.82 6.24
N ASP A 125 0.74 18.86 6.87
CA ASP A 125 1.72 19.16 7.92
C ASP A 125 3.11 18.70 7.51
N SER A 126 3.41 17.42 7.71
CA SER A 126 4.70 16.87 7.32
C SER A 126 4.72 16.66 5.81
N GLY A 127 3.55 16.43 5.22
CA GLY A 127 3.42 16.23 3.79
C GLY A 127 3.58 14.77 3.39
N LEU A 128 3.71 13.89 4.38
CA LEU A 128 3.91 12.47 4.10
C LEU A 128 2.65 11.82 3.54
N THR A 129 1.49 12.19 4.08
CA THR A 129 0.22 11.64 3.61
C THR A 129 -0.03 12.06 2.17
N LEU A 130 0.20 13.33 1.87
CA LEU A 130 -0.01 13.86 0.53
C LEU A 130 0.96 13.24 -0.48
N SER A 131 2.19 12.99 -0.06
CA SER A 131 3.18 12.37 -0.92
C SER A 131 2.75 10.96 -1.32
N TRP A 132 2.26 10.20 -0.35
CA TRP A 132 1.80 8.84 -0.61
C TRP A 132 0.56 8.87 -1.51
N LEU A 133 -0.39 9.74 -1.18
CA LEU A 133 -1.62 9.90 -1.96
C LEU A 133 -1.32 10.30 -3.40
N SER A 134 -0.44 11.27 -3.57
CA SER A 134 -0.10 11.77 -4.90
C SER A 134 0.51 10.68 -5.77
N ARG A 135 1.38 9.85 -5.18
CA ARG A 135 2.00 8.76 -5.92
C ARG A 135 0.97 7.69 -6.29
N ASN A 136 0.08 7.38 -5.35
CA ASN A 136 -0.94 6.35 -5.56
C ASN A 136 -1.94 6.74 -6.64
N LEU A 137 -2.41 7.99 -6.59
CA LEU A 137 -3.42 8.46 -7.53
C LEU A 137 -2.83 8.72 -8.91
N THR A 138 -1.58 9.17 -8.96
CA THR A 138 -0.90 9.43 -10.23
C THR A 138 -0.76 8.14 -11.04
N SER A 139 -0.48 7.03 -10.36
CA SER A 139 -0.29 5.75 -11.03
C SER A 139 -1.58 5.24 -11.67
N ARG A 140 -2.70 5.85 -11.32
CA ARG A 140 -3.99 5.52 -11.93
C ARG A 140 -4.23 6.36 -13.19
N ASN A 141 -3.24 7.18 -13.52
CA ASN A 141 -3.26 8.00 -14.72
C ASN A 141 -4.46 8.93 -14.89
N PRO A 142 -4.62 9.90 -13.98
CA PRO A 142 -5.65 10.91 -14.23
C PRO A 142 -5.17 11.90 -15.29
N ARG A 143 -6.07 12.65 -15.88
CA ARG A 143 -5.70 13.67 -16.85
C ARG A 143 -4.87 14.76 -16.17
N SER A 144 -5.29 15.14 -14.97
CA SER A 144 -4.54 16.09 -14.16
C SER A 144 -4.74 15.79 -12.68
N LEU A 145 -3.79 16.24 -11.86
CA LEU A 145 -3.82 15.99 -10.43
C LEU A 145 -3.33 17.23 -9.69
N ARG A 146 -4.20 17.85 -8.90
CA ARG A 146 -3.82 19.00 -8.09
C ARG A 146 -4.35 18.86 -6.67
N VAL A 147 -3.87 19.73 -5.78
CA VAL A 147 -4.18 19.61 -4.35
C VAL A 147 -4.84 20.87 -3.80
N CYS A 148 -5.88 20.67 -3.00
CA CYS A 148 -6.52 21.76 -2.27
C CYS A 148 -6.65 21.42 -0.80
N THR A 149 -5.93 22.15 0.06
CA THR A 149 -5.99 21.90 1.49
C THR A 149 -6.52 23.13 2.23
N LEU A 150 -7.36 22.91 3.24
CA LEU A 150 -7.90 24.01 4.02
C LEU A 150 -6.81 24.67 4.86
N LEU A 151 -5.99 23.85 5.49
CA LEU A 151 -4.95 24.33 6.39
C LEU A 151 -3.57 23.84 5.94
N ARG A 152 -2.55 24.66 6.21
CA ARG A 152 -1.17 24.25 5.97
C ARG A 152 -0.27 24.70 7.12
N LYS A 153 0.53 23.77 7.63
CA LYS A 153 1.42 24.04 8.75
C LYS A 153 2.85 24.31 8.26
N PRO A 154 3.68 24.97 9.10
CA PRO A 154 5.03 25.37 8.70
C PRO A 154 5.94 24.25 8.17
N ASP A 155 5.79 23.04 8.66
CA ASP A 155 6.67 21.94 8.24
C ASP A 155 6.41 21.48 6.81
N ALA A 156 5.32 21.95 6.21
CA ALA A 156 4.96 21.55 4.85
C ALA A 156 5.94 22.13 3.83
N VAL A 157 6.77 23.08 4.26
CA VAL A 157 7.75 23.70 3.39
C VAL A 157 8.79 22.67 2.91
N HIS A 158 8.96 21.60 3.68
CA HIS A 158 9.93 20.56 3.34
C HIS A 158 9.30 19.45 2.51
N ALA A 159 7.98 19.49 2.38
CA ALA A 159 7.27 18.49 1.58
C ALA A 159 7.56 18.70 0.09
N ASN A 160 7.25 17.70 -0.72
CA ASN A 160 7.68 17.70 -2.12
C ASN A 160 6.54 17.73 -3.14
N VAL A 161 5.30 17.74 -2.66
CA VAL A 161 4.16 17.76 -3.57
C VAL A 161 3.60 19.17 -3.68
N GLU A 162 3.44 19.63 -4.92
CA GLU A 162 2.92 20.95 -5.23
C GLU A 162 1.47 21.10 -4.76
N ILE A 163 1.17 22.18 -4.05
CA ILE A 163 -0.19 22.45 -3.58
C ILE A 163 -0.75 23.69 -4.26
N ALA A 164 -1.82 23.51 -5.03
CA ALA A 164 -2.39 24.59 -5.83
C ALA A 164 -3.27 25.51 -5.02
N TYR A 165 -3.96 24.98 -4.01
CA TYR A 165 -4.89 25.78 -3.23
C TYR A 165 -4.74 25.56 -1.73
N VAL A 166 -4.54 26.66 -1.01
CA VAL A 166 -4.45 26.63 0.45
C VAL A 166 -5.42 27.63 1.06
N GLY A 167 -6.26 27.17 1.98
CA GLY A 167 -7.18 28.06 2.67
C GLY A 167 -6.45 29.00 3.60
N PHE A 168 -5.77 28.42 4.60
CA PHE A 168 -5.05 29.20 5.60
C PHE A 168 -3.69 28.59 5.93
N ASP A 169 -2.69 29.45 6.10
CA ASP A 169 -1.44 29.02 6.73
C ASP A 169 -1.55 29.26 8.22
N ILE A 170 -1.34 28.21 9.00
CA ILE A 170 -1.52 28.28 10.45
C ILE A 170 -0.25 27.83 11.18
N PRO A 171 -0.10 28.22 12.45
CA PRO A 171 1.06 27.75 13.23
C PRO A 171 1.05 26.24 13.47
N ASN A 172 2.11 25.73 14.07
CA ASN A 172 2.28 24.30 14.28
C ASN A 172 1.36 23.71 15.35
N ASP A 173 0.76 24.59 16.16
CA ASP A 173 -0.10 24.17 17.27
C ASP A 173 -1.20 23.19 16.83
N PHE A 174 -1.52 22.25 17.70
CA PHE A 174 -2.56 21.26 17.41
C PHE A 174 -3.94 21.88 17.49
N VAL A 175 -4.71 21.74 16.42
CA VAL A 175 -6.06 22.31 16.38
C VAL A 175 -7.13 21.26 16.15
N VAL A 176 -8.36 21.58 16.54
CA VAL A 176 -9.50 20.69 16.32
C VAL A 176 -10.68 21.50 15.80
N GLY A 177 -11.67 20.82 15.26
CA GLY A 177 -12.86 21.47 14.75
C GLY A 177 -12.94 21.47 13.24
N TYR A 178 -14.16 21.60 12.72
CA TYR A 178 -14.41 21.61 11.29
C TYR A 178 -13.74 20.42 10.58
N GLY A 179 -13.96 19.23 11.13
CA GLY A 179 -13.40 18.02 10.57
C GLY A 179 -12.18 17.50 11.33
N LEU A 180 -11.39 18.41 11.89
CA LEU A 180 -10.19 18.05 12.63
C LEU A 180 -10.54 17.48 13.99
N ASP A 181 -9.93 16.35 14.34
CA ASP A 181 -10.29 15.64 15.57
C ASP A 181 -9.16 15.51 16.58
N TYR A 182 -9.54 15.21 17.82
CA TYR A 182 -8.64 14.61 18.77
C TYR A 182 -9.30 13.33 19.29
N ASP A 183 -8.77 12.19 18.88
CA ASP A 183 -9.34 10.88 19.22
C ASP A 183 -10.80 10.83 18.79
N GLU A 184 -11.05 11.23 17.54
CA GLU A 184 -12.37 11.18 16.89
C GLU A 184 -13.37 12.22 17.40
N ARG A 185 -13.00 12.97 18.44
CA ARG A 185 -13.88 14.01 18.97
C ARG A 185 -13.62 15.36 18.31
N TYR A 186 -14.57 16.29 18.48
CA TYR A 186 -14.44 17.70 18.09
C TYR A 186 -14.57 17.97 16.59
N ARG A 187 -14.80 16.93 15.78
CA ARG A 187 -14.95 17.12 14.34
C ARG A 187 -16.16 17.99 13.99
N ASP A 188 -17.17 17.98 14.86
CA ASP A 188 -18.45 18.60 14.55
C ASP A 188 -18.50 20.11 14.83
N LEU A 189 -17.40 20.68 15.30
CA LEU A 189 -17.34 22.12 15.54
C LEU A 189 -17.36 22.90 14.22
N SER A 190 -18.08 24.02 14.21
CA SER A 190 -18.17 24.86 13.01
C SER A 190 -16.93 25.73 12.86
N TYR A 191 -16.15 25.82 13.93
CA TYR A 191 -14.95 26.64 13.95
C TYR A 191 -13.72 25.78 14.22
N ILE A 192 -12.54 26.39 14.10
CA ILE A 192 -11.29 25.69 14.39
C ILE A 192 -10.62 26.34 15.59
N GLY A 193 -10.27 25.53 16.58
CA GLY A 193 -9.66 26.05 17.80
C GLY A 193 -8.58 25.17 18.39
N THR A 194 -7.89 25.70 19.39
CA THR A 194 -6.85 24.96 20.10
C THR A 194 -7.42 24.30 21.35
N LEU A 195 -6.73 23.28 21.84
CA LEU A 195 -7.26 22.44 22.92
C LEU A 195 -6.64 22.76 24.27
N ASP A 196 -7.46 22.69 25.31
CA ASP A 196 -6.98 22.82 26.69
C ASP A 196 -6.10 21.62 27.00
N PRO A 197 -4.86 21.87 27.47
CA PRO A 197 -3.86 20.85 27.78
C PRO A 197 -4.34 19.75 28.73
N ARG A 198 -5.48 19.96 29.38
CA ARG A 198 -6.10 18.94 30.21
C ARG A 198 -6.53 17.76 29.35
N VAL A 199 -6.93 18.05 28.12
CA VAL A 199 -7.34 17.03 27.16
C VAL A 199 -6.14 16.34 26.53
N TYR A 200 -5.36 17.11 25.77
CA TYR A 200 -4.20 16.59 25.07
C TYR A 200 -2.90 16.89 25.81
N ALA B 15 -27.15 31.76 -12.41
CA ALA B 15 -26.87 30.90 -13.55
C ALA B 15 -26.90 29.43 -13.14
N GLU B 16 -27.53 28.60 -13.97
CA GLU B 16 -27.66 27.17 -13.68
C GLU B 16 -26.31 26.45 -13.76
N LEU B 17 -26.05 25.60 -12.78
CA LEU B 17 -24.84 24.78 -12.76
C LEU B 17 -24.88 23.76 -13.90
N TYR B 18 -26.05 23.17 -14.09
CA TYR B 18 -26.30 22.25 -15.20
C TYR B 18 -27.46 22.78 -16.04
N PRO B 19 -27.17 23.73 -16.95
CA PRO B 19 -28.20 24.43 -17.72
C PRO B 19 -29.10 23.49 -18.52
N GLY B 20 -30.41 23.57 -18.25
CA GLY B 20 -31.39 22.79 -18.98
C GLY B 20 -31.63 21.40 -18.44
N ASP B 21 -30.81 20.97 -17.49
CA ASP B 21 -30.88 19.61 -16.96
C ASP B 21 -31.96 19.44 -15.88
N ILE B 22 -32.12 20.46 -15.05
CA ILE B 22 -33.13 20.39 -13.98
C ILE B 22 -34.49 20.85 -14.49
N LYS B 23 -35.48 19.96 -14.39
CA LYS B 23 -36.83 20.26 -14.84
C LYS B 23 -37.54 21.22 -13.91
N SER B 24 -37.58 20.87 -12.63
CA SER B 24 -38.26 21.69 -11.62
C SER B 24 -37.62 21.55 -10.26
N VAL B 25 -37.76 22.57 -9.42
CA VAL B 25 -37.21 22.53 -8.07
C VAL B 25 -38.23 21.91 -7.12
N LEU B 26 -37.78 20.95 -6.32
CA LEU B 26 -38.63 20.31 -5.33
C LEU B 26 -38.43 20.96 -3.96
N LEU B 27 -37.17 21.12 -3.57
CA LEU B 27 -36.84 21.73 -2.29
C LEU B 27 -35.70 22.73 -2.46
N THR B 28 -35.94 23.98 -2.09
CA THR B 28 -34.90 25.00 -2.19
C THR B 28 -33.82 24.75 -1.15
N ALA B 29 -32.66 25.38 -1.35
CA ALA B 29 -31.56 25.27 -0.41
C ALA B 29 -31.96 25.83 0.95
N GLU B 30 -32.73 26.91 0.94
CA GLU B 30 -33.19 27.54 2.18
C GLU B 30 -34.13 26.61 2.95
N GLN B 31 -34.99 25.92 2.22
CA GLN B 31 -35.95 25.00 2.82
C GLN B 31 -35.25 23.80 3.45
N ILE B 32 -34.23 23.30 2.78
CA ILE B 32 -33.47 22.15 3.28
C ILE B 32 -32.75 22.49 4.58
N GLN B 33 -32.06 23.63 4.60
CA GLN B 33 -31.30 24.05 5.77
C GLN B 33 -32.19 24.35 6.97
N ALA B 34 -33.38 24.88 6.71
CA ALA B 34 -34.31 25.21 7.79
C ALA B 34 -34.82 23.94 8.47
N ARG B 35 -35.09 22.91 7.68
CA ARG B 35 -35.55 21.64 8.22
C ARG B 35 -34.42 20.92 8.97
N ILE B 36 -33.20 21.05 8.46
CA ILE B 36 -32.04 20.44 9.11
C ILE B 36 -31.80 21.09 10.47
N ALA B 37 -32.02 22.40 10.55
CA ALA B 37 -31.94 23.11 11.82
C ALA B 37 -32.94 22.54 12.82
N GLU B 38 -34.16 22.27 12.35
CA GLU B 38 -35.21 21.68 13.18
C GLU B 38 -34.82 20.27 13.64
N LEU B 39 -34.33 19.46 12.70
CA LEU B 39 -33.92 18.09 12.99
C LEU B 39 -32.82 18.05 14.03
N GLY B 40 -31.79 18.87 13.84
CA GLY B 40 -30.67 18.92 14.75
C GLY B 40 -31.09 19.21 16.18
N GLU B 41 -32.01 20.16 16.34
CA GLU B 41 -32.52 20.51 17.65
C GLU B 41 -33.32 19.36 18.26
N GLN B 42 -34.10 18.69 17.44
CA GLN B 42 -34.88 17.54 17.89
C GLN B 42 -33.97 16.40 18.31
N ILE B 43 -32.97 16.12 17.48
CA ILE B 43 -31.99 15.08 17.77
C ILE B 43 -31.20 15.41 19.03
N GLY B 44 -30.81 16.68 19.17
CA GLY B 44 -30.10 17.14 20.35
C GLY B 44 -30.94 16.96 21.61
N ASN B 45 -32.24 17.23 21.48
CA ASN B 45 -33.19 17.02 22.57
C ASN B 45 -33.22 15.58 23.06
N ASP B 46 -33.25 14.65 22.13
CA ASP B 46 -33.42 13.23 22.45
C ASP B 46 -32.15 12.60 23.02
N TYR B 47 -31.00 13.16 22.70
CA TYR B 47 -29.72 12.59 23.14
C TYR B 47 -28.98 13.46 24.15
N ARG B 48 -29.70 14.39 24.77
CA ARG B 48 -29.08 15.30 25.73
C ARG B 48 -28.70 14.60 27.03
N SER B 51 -25.01 11.81 26.41
CA SER B 51 -23.60 11.51 26.57
C SER B 51 -23.10 11.96 27.94
N ALA B 52 -23.93 12.70 28.66
CA ALA B 52 -23.60 13.12 30.01
C ALA B 52 -23.59 11.92 30.93
N THR B 53 -24.46 10.96 30.65
CA THR B 53 -24.55 9.73 31.43
C THR B 53 -23.56 8.68 30.94
N THR B 54 -23.66 8.35 29.66
CA THR B 54 -22.84 7.30 29.07
C THR B 54 -21.37 7.67 28.98
N GLY B 55 -21.10 8.96 28.76
CA GLY B 55 -19.73 9.43 28.65
C GLY B 55 -19.18 9.32 27.24
N GLN B 56 -20.02 8.93 26.30
CA GLN B 56 -19.61 8.79 24.90
C GLN B 56 -20.55 9.51 23.95
N ASP B 57 -19.98 10.15 22.93
CA ASP B 57 -20.75 11.01 22.03
C ASP B 57 -21.69 10.21 21.11
N LEU B 58 -22.72 10.89 20.62
CA LEU B 58 -23.62 10.31 19.63
C LEU B 58 -22.85 9.98 18.35
N LEU B 59 -23.06 8.77 17.82
CA LEU B 59 -22.32 8.32 16.66
C LEU B 59 -23.15 8.41 15.38
N LEU B 60 -22.71 9.27 14.47
CA LEU B 60 -23.40 9.43 13.18
C LEU B 60 -22.76 8.55 12.12
N ILE B 61 -23.51 7.54 11.68
CA ILE B 61 -23.02 6.64 10.64
C ILE B 61 -23.59 7.04 9.28
N THR B 62 -22.76 7.67 8.46
CA THR B 62 -23.18 8.21 7.18
C THR B 62 -23.09 7.17 6.07
N VAL B 63 -24.17 7.00 5.33
CA VAL B 63 -24.18 6.11 4.18
C VAL B 63 -23.74 6.86 2.93
N LEU B 64 -22.50 6.65 2.53
CA LEU B 64 -21.96 7.28 1.32
C LEU B 64 -22.71 6.77 0.08
N LYS B 65 -22.80 7.60 -0.96
CA LYS B 65 -22.23 8.94 -0.96
C LYS B 65 -23.29 10.03 -0.78
N GLY B 66 -24.55 9.66 -1.00
CA GLY B 66 -25.62 10.63 -1.04
C GLY B 66 -25.90 11.40 0.24
N ALA B 67 -25.48 10.85 1.38
CA ALA B 67 -25.82 11.45 2.67
C ALA B 67 -24.72 12.36 3.21
N VAL B 68 -23.68 12.60 2.41
CA VAL B 68 -22.52 13.33 2.92
C VAL B 68 -22.80 14.82 3.16
N LEU B 69 -23.54 15.46 2.27
CA LEU B 69 -23.86 16.87 2.46
C LEU B 69 -24.81 17.02 3.63
N PHE B 70 -25.76 16.10 3.71
CA PHE B 70 -26.76 16.09 4.77
C PHE B 70 -26.12 15.96 6.16
N VAL B 71 -25.18 15.03 6.30
CA VAL B 71 -24.59 14.77 7.62
C VAL B 71 -23.68 15.91 8.11
N THR B 72 -23.02 16.62 7.20
CA THR B 72 -22.13 17.70 7.62
C THR B 72 -22.94 18.89 8.11
N ASP B 73 -24.07 19.15 7.45
CA ASP B 73 -24.97 20.21 7.88
C ASP B 73 -25.73 19.80 9.14
N LEU B 74 -26.13 18.54 9.20
CA LEU B 74 -26.90 18.03 10.33
C LEU B 74 -26.08 18.04 11.61
N ALA B 75 -24.84 17.57 11.52
CA ALA B 75 -23.95 17.50 12.68
C ALA B 75 -23.70 18.89 13.27
N ARG B 76 -23.63 19.90 12.41
CA ARG B 76 -23.42 21.27 12.86
C ARG B 76 -24.71 21.85 13.43
N ALA B 77 -25.83 21.19 13.19
CA ALA B 77 -27.12 21.63 13.71
C ALA B 77 -27.50 20.87 14.98
N ILE B 78 -26.80 19.78 15.26
CA ILE B 78 -27.01 19.01 16.47
C ILE B 78 -26.22 19.62 17.62
N PRO B 79 -26.92 20.12 18.66
CA PRO B 79 -26.31 20.85 19.77
C PRO B 79 -25.67 19.96 20.84
N VAL B 80 -25.39 18.70 20.51
CA VAL B 80 -24.63 17.83 21.38
C VAL B 80 -23.43 17.28 20.61
N PRO B 81 -22.35 16.89 21.31
CA PRO B 81 -21.19 16.30 20.63
C PRO B 81 -21.54 15.08 19.79
N THR B 82 -21.08 15.08 18.54
CA THR B 82 -21.31 13.96 17.63
C THR B 82 -20.00 13.51 16.98
N GLN B 83 -19.94 12.24 16.60
CA GLN B 83 -18.77 11.71 15.91
C GLN B 83 -19.18 11.16 14.55
N PHE B 84 -18.23 11.16 13.60
CA PHE B 84 -18.53 10.78 12.23
C PHE B 84 -18.07 9.37 11.88
N GLU B 85 -18.96 8.64 11.22
CA GLU B 85 -18.63 7.34 10.64
C GLU B 85 -19.14 7.28 9.21
N PHE B 86 -18.45 6.53 8.36
CA PHE B 86 -18.84 6.46 6.95
C PHE B 86 -18.87 5.03 6.44
N MET B 87 -19.98 4.68 5.79
CA MET B 87 -20.13 3.36 5.17
C MET B 87 -20.55 3.50 3.72
N ALA B 88 -20.27 2.46 2.94
CA ALA B 88 -20.76 2.37 1.58
C ALA B 88 -21.22 0.94 1.30
N VAL B 89 -22.44 0.81 0.79
CA VAL B 89 -22.99 -0.51 0.46
C VAL B 89 -23.51 -0.52 -0.97
N SER B 90 -23.64 -1.71 -1.55
CA SER B 90 -24.05 -1.85 -2.94
C SER B 90 -25.56 -1.93 -3.09
N SER B 91 -26.01 -2.25 -4.30
CA SER B 91 -27.44 -2.37 -4.58
C SER B 91 -27.95 -3.75 -4.22
N VAL B 102 -26.28 -4.95 -0.51
CA VAL B 102 -26.33 -6.26 0.14
C VAL B 102 -24.91 -6.67 0.51
N ARG B 103 -23.94 -6.05 -0.14
CA ARG B 103 -22.53 -6.27 0.16
C ARG B 103 -21.91 -4.98 0.68
N ILE B 104 -20.87 -5.11 1.51
CA ILE B 104 -20.17 -3.93 2.01
C ILE B 104 -18.97 -3.61 1.13
N LEU B 105 -18.94 -2.39 0.62
CA LEU B 105 -17.75 -1.90 -0.08
C LEU B 105 -16.81 -1.24 0.93
N LYS B 106 -17.40 -0.67 1.97
CA LYS B 106 -16.67 0.16 2.94
C LYS B 106 -17.26 0.01 4.34
N ASP B 107 -16.54 -0.66 5.22
CA ASP B 107 -17.05 -0.97 6.55
C ASP B 107 -16.67 0.08 7.58
N LEU B 108 -17.05 -0.16 8.83
CA LEU B 108 -16.67 0.72 9.94
C LEU B 108 -15.20 0.56 10.29
N ASP B 109 -14.53 1.67 10.58
CA ASP B 109 -13.22 1.64 11.20
C ASP B 109 -13.44 1.62 12.72
N ARG B 110 -14.67 1.36 13.11
CA ARG B 110 -15.11 1.52 14.48
C ARG B 110 -15.76 0.28 15.08
N ASP B 111 -15.66 0.16 16.39
CA ASP B 111 -16.47 -0.80 17.13
C ASP B 111 -17.60 -0.03 17.79
N ILE B 112 -18.83 -0.32 17.39
CA ILE B 112 -19.98 0.43 17.88
C ILE B 112 -20.64 -0.26 19.06
N HIS B 113 -19.97 -1.26 19.62
CA HIS B 113 -20.45 -1.95 20.80
C HIS B 113 -20.64 -0.99 21.97
N GLY B 114 -21.88 -0.86 22.43
CA GLY B 114 -22.17 -0.01 23.58
C GLY B 114 -22.33 1.45 23.23
N ARG B 115 -22.25 1.78 21.94
CA ARG B 115 -22.39 3.14 21.48
C ARG B 115 -23.82 3.47 21.08
N ASP B 116 -24.21 4.73 21.22
CA ASP B 116 -25.48 5.20 20.70
C ASP B 116 -25.29 5.62 19.24
N VAL B 117 -25.98 4.92 18.35
CA VAL B 117 -25.74 5.06 16.92
C VAL B 117 -26.93 5.66 16.18
N LEU B 118 -26.65 6.59 15.27
CA LEU B 118 -27.67 7.16 14.40
C LEU B 118 -27.31 6.97 12.93
N ILE B 119 -28.12 6.19 12.23
CA ILE B 119 -27.93 6.01 10.78
C ILE B 119 -28.39 7.25 10.03
N VAL B 120 -27.51 7.79 9.20
CA VAL B 120 -27.83 8.99 8.43
C VAL B 120 -27.90 8.67 6.94
N GLU B 121 -29.10 8.74 6.37
CA GLU B 121 -29.30 8.46 4.96
C GLU B 121 -29.82 9.69 4.21
N ASP B 122 -29.70 9.66 2.90
CA ASP B 122 -30.24 10.73 2.06
C ASP B 122 -31.69 10.44 1.69
N VAL B 123 -31.96 9.19 1.32
CA VAL B 123 -33.33 8.83 0.92
C VAL B 123 -33.65 7.37 1.26
N VAL B 124 -34.86 7.15 1.75
CA VAL B 124 -35.40 5.81 1.92
C VAL B 124 -36.52 5.62 0.92
N ASP B 125 -36.38 4.63 0.05
CA ASP B 125 -37.36 4.38 -1.01
C ASP B 125 -38.03 3.02 -0.80
N SER B 126 -37.37 1.95 -1.26
CA SER B 126 -37.89 0.60 -1.05
C SER B 126 -37.67 0.16 0.39
N GLY B 127 -36.66 0.73 1.03
CA GLY B 127 -36.32 0.39 2.40
C GLY B 127 -35.36 -0.78 2.48
N LEU B 128 -34.98 -1.32 1.32
CA LEU B 128 -34.10 -2.48 1.26
C LEU B 128 -32.71 -2.19 1.84
N THR B 129 -32.14 -1.04 1.47
CA THR B 129 -30.83 -0.65 1.97
C THR B 129 -30.86 -0.49 3.49
N LEU B 130 -31.89 0.17 3.99
CA LEU B 130 -32.04 0.40 5.42
C LEU B 130 -32.29 -0.90 6.18
N SER B 131 -33.12 -1.76 5.61
CA SER B 131 -33.41 -3.05 6.23
C SER B 131 -32.13 -3.87 6.38
N TRP B 132 -31.27 -3.80 5.39
CA TRP B 132 -30.00 -4.51 5.42
C TRP B 132 -29.03 -3.87 6.41
N LEU B 133 -28.94 -2.54 6.35
CA LEU B 133 -28.00 -1.81 7.19
C LEU B 133 -28.37 -1.89 8.66
N SER B 134 -29.67 -1.88 8.94
CA SER B 134 -30.15 -1.98 10.30
C SER B 134 -29.76 -3.32 10.92
N ARG B 135 -29.92 -4.40 10.15
N ARG B 135 -29.93 -4.39 10.15
CA ARG B 135 -29.58 -5.73 10.63
CA ARG B 135 -29.59 -5.74 10.61
C ARG B 135 -28.08 -5.89 10.85
C ARG B 135 -28.10 -5.89 10.85
N ASN B 136 -27.30 -5.29 9.99
CA ASN B 136 -25.84 -5.38 10.08
C ASN B 136 -25.30 -4.65 11.32
N LEU B 137 -25.77 -3.42 11.52
CA LEU B 137 -25.27 -2.61 12.63
C LEU B 137 -25.79 -3.10 13.97
N THR B 138 -27.03 -3.58 14.02
CA THR B 138 -27.60 -4.03 15.28
C THR B 138 -26.98 -5.35 15.74
N SER B 139 -26.36 -6.06 14.80
CA SER B 139 -25.68 -7.31 15.12
C SER B 139 -24.35 -7.04 15.79
N ARG B 140 -23.90 -5.79 15.70
CA ARG B 140 -22.66 -5.37 16.33
C ARG B 140 -22.92 -4.90 17.75
N ASN B 141 -24.16 -5.10 18.21
CA ASN B 141 -24.58 -4.80 19.58
C ASN B 141 -24.30 -3.37 20.03
N PRO B 142 -24.89 -2.38 19.36
CA PRO B 142 -24.75 -1.01 19.88
C PRO B 142 -25.71 -0.80 21.05
N ARG B 143 -25.45 0.24 21.86
CA ARG B 143 -26.34 0.57 22.96
C ARG B 143 -27.73 0.92 22.43
N SER B 144 -27.76 1.65 21.33
CA SER B 144 -29.03 2.00 20.67
C SER B 144 -28.82 2.30 19.19
N LEU B 145 -29.86 2.10 18.39
CA LEU B 145 -29.81 2.37 16.97
C LEU B 145 -31.06 3.12 16.52
N ARG B 146 -30.86 4.27 15.90
CA ARG B 146 -31.96 5.04 15.33
C ARG B 146 -31.61 5.47 13.91
N VAL B 147 -32.63 5.88 13.15
CA VAL B 147 -32.44 6.22 11.75
C VAL B 147 -32.88 7.65 11.46
N CYS B 148 -32.05 8.38 10.72
CA CYS B 148 -32.41 9.72 10.25
C CYS B 148 -32.19 9.81 8.75
N THR B 149 -33.26 10.06 8.01
CA THR B 149 -33.18 10.21 6.57
C THR B 149 -33.71 11.58 6.15
N LEU B 150 -33.07 12.18 5.16
CA LEU B 150 -33.50 13.48 4.67
C LEU B 150 -34.81 13.34 3.90
N LEU B 151 -34.89 12.32 3.05
CA LEU B 151 -36.07 12.12 2.21
C LEU B 151 -36.69 10.74 2.43
N ARG B 152 -38.01 10.69 2.35
CA ARG B 152 -38.73 9.41 2.36
C ARG B 152 -39.77 9.40 1.24
N LYS B 153 -39.72 8.35 0.43
CA LYS B 153 -40.61 8.21 -0.72
C LYS B 153 -41.72 7.21 -0.37
N PRO B 154 -42.85 7.26 -1.10
CA PRO B 154 -44.06 6.49 -0.73
C PRO B 154 -43.87 4.99 -0.53
N ASP B 155 -42.91 4.37 -1.22
CA ASP B 155 -42.73 2.93 -1.12
C ASP B 155 -42.16 2.49 0.23
N ALA B 156 -41.68 3.44 1.02
CA ALA B 156 -41.12 3.13 2.33
C ALA B 156 -42.19 2.66 3.31
N VAL B 157 -43.45 2.88 2.96
CA VAL B 157 -44.59 2.42 3.76
C VAL B 157 -44.58 0.90 3.89
N HIS B 158 -44.16 0.22 2.83
CA HIS B 158 -44.19 -1.24 2.80
C HIS B 158 -43.01 -1.88 3.54
N ALA B 159 -42.04 -1.06 3.93
CA ALA B 159 -40.89 -1.55 4.69
C ALA B 159 -41.20 -1.56 6.18
N ASN B 160 -40.39 -2.27 6.96
CA ASN B 160 -40.65 -2.40 8.40
C ASN B 160 -39.43 -2.11 9.28
N VAL B 161 -38.75 -1.01 9.01
CA VAL B 161 -37.73 -0.49 9.91
C VAL B 161 -38.09 0.93 10.31
N GLU B 162 -38.32 1.14 11.60
CA GLU B 162 -38.77 2.43 12.10
C GLU B 162 -37.77 3.54 11.83
N ILE B 163 -38.27 4.67 11.36
CA ILE B 163 -37.43 5.83 11.10
C ILE B 163 -37.84 6.97 12.05
N ALA B 164 -36.96 7.25 13.01
CA ALA B 164 -37.25 8.24 14.04
C ALA B 164 -37.28 9.66 13.49
N TYR B 165 -36.40 9.95 12.53
CA TYR B 165 -36.26 11.30 12.00
C TYR B 165 -36.34 11.35 10.49
N VAL B 166 -37.34 12.06 9.98
CA VAL B 166 -37.53 12.23 8.54
C VAL B 166 -37.57 13.71 8.18
N GLY B 167 -36.73 14.11 7.24
CA GLY B 167 -36.72 15.50 6.79
C GLY B 167 -37.96 15.86 6.00
N PHE B 168 -38.15 15.18 4.87
CA PHE B 168 -39.27 15.45 3.98
C PHE B 168 -39.90 14.17 3.44
N ASP B 169 -41.21 14.18 3.28
CA ASP B 169 -41.91 13.16 2.51
C ASP B 169 -42.20 13.71 1.12
N ILE B 170 -41.74 12.99 0.09
CA ILE B 170 -41.86 13.45 -1.28
C ILE B 170 -42.52 12.38 -2.17
N PRO B 171 -43.04 12.77 -3.34
CA PRO B 171 -43.60 11.77 -4.26
C PRO B 171 -42.54 10.83 -4.84
N ASN B 172 -42.99 9.92 -5.71
CA ASN B 172 -42.15 8.82 -6.18
C ASN B 172 -41.11 9.21 -7.23
N ASP B 173 -41.18 10.44 -7.72
CA ASP B 173 -40.32 10.89 -8.81
C ASP B 173 -38.83 10.84 -8.46
N PHE B 174 -38.00 10.62 -9.47
CA PHE B 174 -36.55 10.58 -9.28
C PHE B 174 -36.00 11.99 -9.13
N VAL B 175 -35.31 12.25 -8.03
CA VAL B 175 -34.79 13.59 -7.75
C VAL B 175 -33.27 13.58 -7.64
N VAL B 176 -32.65 14.74 -7.82
CA VAL B 176 -31.20 14.87 -7.65
C VAL B 176 -30.88 16.14 -6.87
N GLY B 177 -29.62 16.27 -6.46
CA GLY B 177 -29.18 17.45 -5.73
C GLY B 177 -28.97 17.19 -4.26
N TYR B 178 -28.16 18.05 -3.64
CA TYR B 178 -27.82 17.95 -2.23
C TYR B 178 -27.41 16.53 -1.83
N GLY B 179 -26.44 15.98 -2.57
CA GLY B 179 -25.95 14.64 -2.29
C GLY B 179 -26.53 13.58 -3.21
N LEU B 180 -27.77 13.76 -3.63
CA LEU B 180 -28.46 12.80 -4.51
C LEU B 180 -27.93 12.90 -5.93
N ASP B 181 -27.55 11.77 -6.52
CA ASP B 181 -26.92 11.78 -7.83
C ASP B 181 -27.74 11.09 -8.92
N TYR B 182 -27.44 11.47 -10.16
CA TYR B 182 -27.73 10.61 -11.29
C TYR B 182 -26.42 10.30 -11.99
N ASP B 183 -26.00 9.04 -11.94
CA ASP B 183 -24.73 8.61 -12.51
C ASP B 183 -23.59 9.49 -12.01
N GLU B 184 -23.54 9.69 -10.70
CA GLU B 184 -22.50 10.43 -10.00
C GLU B 184 -22.53 11.94 -10.24
N ARG B 185 -23.49 12.43 -11.02
CA ARG B 185 -23.62 13.85 -11.25
C ARG B 185 -24.71 14.48 -10.39
N TYR B 186 -24.66 15.81 -10.26
CA TYR B 186 -25.68 16.63 -9.60
C TYR B 186 -25.65 16.59 -8.07
N ARG B 187 -24.67 15.89 -7.49
CA ARG B 187 -24.56 15.85 -6.02
C ARG B 187 -24.27 17.23 -5.43
N ASP B 188 -23.60 18.07 -6.22
CA ASP B 188 -23.12 19.36 -5.73
C ASP B 188 -24.17 20.46 -5.70
N LEU B 189 -25.38 20.15 -6.16
CA LEU B 189 -26.47 21.13 -6.12
C LEU B 189 -26.85 21.43 -4.68
N SER B 190 -27.15 22.70 -4.40
CA SER B 190 -27.55 23.11 -3.05
C SER B 190 -29.02 22.84 -2.81
N TYR B 191 -29.75 22.57 -3.89
CA TYR B 191 -31.18 22.29 -3.81
C TYR B 191 -31.50 20.91 -4.38
N ILE B 192 -32.75 20.49 -4.23
CA ILE B 192 -33.19 19.20 -4.75
C ILE B 192 -34.26 19.40 -5.82
N GLY B 193 -34.11 18.70 -6.95
CA GLY B 193 -35.05 18.83 -8.03
C GLY B 193 -35.12 17.62 -8.94
N THR B 194 -36.03 17.67 -9.91
CA THR B 194 -36.22 16.58 -10.85
C THR B 194 -35.46 16.85 -12.15
N LEU B 195 -35.16 15.79 -12.90
CA LEU B 195 -34.35 15.91 -14.11
C LEU B 195 -35.19 15.99 -15.38
N ASP B 196 -34.70 16.79 -16.33
CA ASP B 196 -35.25 16.79 -17.68
C ASP B 196 -35.07 15.40 -18.29
N PRO B 197 -36.10 14.89 -18.98
CA PRO B 197 -36.07 13.54 -19.57
C PRO B 197 -34.88 13.31 -20.51
N ARG B 198 -34.36 14.39 -21.07
CA ARG B 198 -33.26 14.31 -22.04
C ARG B 198 -31.96 13.82 -21.40
N VAL B 199 -31.90 13.89 -20.08
CA VAL B 199 -30.70 13.53 -19.33
C VAL B 199 -30.42 12.02 -19.35
N TYR B 200 -31.48 11.22 -19.32
CA TYR B 200 -31.35 9.76 -19.26
C TYR B 200 -30.88 9.13 -20.58
N GLN B 201 -30.78 9.92 -21.64
CA GLN B 201 -30.57 9.38 -22.98
C GLN B 201 -29.12 9.06 -23.32
N ALA C 15 3.38 -17.16 -24.05
CA ALA C 15 3.60 -16.87 -22.64
C ALA C 15 4.98 -17.34 -22.19
N GLU C 16 5.81 -17.72 -23.15
CA GLU C 16 7.17 -18.18 -22.85
C GLU C 16 8.13 -17.01 -22.71
N LEU C 17 8.95 -17.05 -21.65
CA LEU C 17 9.98 -16.04 -21.45
C LEU C 17 10.97 -16.03 -22.61
N TYR C 18 11.41 -17.22 -23.02
CA TYR C 18 12.32 -17.37 -24.14
C TYR C 18 11.67 -18.24 -25.21
N PRO C 19 10.90 -17.62 -26.10
CA PRO C 19 10.12 -18.34 -27.13
C PRO C 19 10.97 -19.25 -28.01
N GLY C 20 10.76 -20.55 -27.89
CA GLY C 20 11.42 -21.54 -28.73
C GLY C 20 12.77 -22.01 -28.24
N ASP C 21 13.27 -21.41 -27.16
CA ASP C 21 14.60 -21.73 -26.67
C ASP C 21 14.61 -23.01 -25.82
N ILE C 22 13.53 -23.24 -25.07
CA ILE C 22 13.45 -24.42 -24.23
C ILE C 22 12.85 -25.60 -24.99
N LYS C 23 13.62 -26.66 -25.13
CA LYS C 23 13.19 -27.85 -25.88
C LYS C 23 12.27 -28.73 -25.04
N SER C 24 12.58 -28.85 -23.75
CA SER C 24 11.77 -29.68 -22.86
C SER C 24 11.92 -29.22 -21.41
N VAL C 25 11.00 -29.64 -20.56
CA VAL C 25 11.05 -29.32 -19.14
C VAL C 25 11.46 -30.55 -18.33
N LEU C 26 12.61 -30.47 -17.68
CA LEU C 26 13.11 -31.57 -16.88
C LEU C 26 12.41 -31.62 -15.53
N LEU C 27 12.32 -30.46 -14.88
CA LEU C 27 11.70 -30.34 -13.57
C LEU C 27 10.78 -29.12 -13.51
N THR C 28 9.49 -29.36 -13.26
CA THR C 28 8.53 -28.28 -13.17
C THR C 28 8.76 -27.45 -11.90
N ALA C 29 8.17 -26.26 -11.87
CA ALA C 29 8.31 -25.36 -10.73
C ALA C 29 7.77 -26.00 -9.45
N GLU C 30 6.65 -26.69 -9.56
CA GLU C 30 6.03 -27.29 -8.38
C GLU C 30 6.76 -28.55 -7.94
N GLN C 31 7.47 -29.19 -8.86
CA GLN C 31 8.29 -30.34 -8.52
C GLN C 31 9.48 -29.90 -7.68
N ILE C 32 10.11 -28.81 -8.10
CA ILE C 32 11.25 -28.25 -7.39
C ILE C 32 10.85 -27.78 -5.98
N GLN C 33 9.73 -27.08 -5.89
CA GLN C 33 9.26 -26.56 -4.62
C GLN C 33 8.84 -27.68 -3.66
N ALA C 34 8.24 -28.73 -4.20
CA ALA C 34 7.84 -29.87 -3.38
C ALA C 34 9.06 -30.56 -2.78
N ARG C 35 10.13 -30.66 -3.57
CA ARG C 35 11.35 -31.30 -3.12
C ARG C 35 12.10 -30.43 -2.10
N ILE C 36 12.09 -29.12 -2.34
CA ILE C 36 12.72 -28.17 -1.42
C ILE C 36 12.04 -28.21 -0.06
N ALA C 37 10.72 -28.28 -0.06
CA ALA C 37 9.95 -28.40 1.18
C ALA C 37 10.37 -29.63 1.97
N GLU C 38 10.70 -30.71 1.26
CA GLU C 38 11.18 -31.93 1.89
C GLU C 38 12.60 -31.75 2.44
N LEU C 39 13.46 -31.14 1.65
CA LEU C 39 14.84 -30.87 2.05
C LEU C 39 14.89 -29.98 3.27
N GLY C 40 14.09 -28.91 3.25
CA GLY C 40 14.02 -27.99 4.37
C GLY C 40 13.60 -28.67 5.66
N GLU C 41 12.67 -29.61 5.54
CA GLU C 41 12.17 -30.35 6.69
C GLU C 41 13.22 -31.34 7.20
N GLN C 42 13.97 -31.91 6.27
CA GLN C 42 15.04 -32.85 6.62
C GLN C 42 16.20 -32.12 7.30
N ILE C 43 16.61 -31.01 6.69
CA ILE C 43 17.67 -30.17 7.24
C ILE C 43 17.28 -29.64 8.61
N GLY C 44 16.01 -29.29 8.76
CA GLY C 44 15.50 -28.78 10.02
C GLY C 44 15.60 -29.80 11.15
N ASN C 45 15.21 -31.04 10.86
CA ASN C 45 15.29 -32.11 11.85
C ASN C 45 16.72 -32.46 12.22
N ASP C 46 17.63 -32.32 11.26
CA ASP C 46 19.03 -32.68 11.49
C ASP C 46 19.78 -31.61 12.27
N TYR C 47 19.26 -30.39 12.28
CA TYR C 47 19.95 -29.28 12.92
C TYR C 47 19.20 -28.66 14.10
N ARG C 48 18.00 -29.19 14.40
CA ARG C 48 17.17 -28.60 15.45
C ARG C 48 17.84 -28.64 16.82
N GLU C 49 18.04 -29.85 17.35
CA GLU C 49 18.69 -30.00 18.64
C GLU C 49 20.16 -29.60 18.56
N LEU C 50 20.74 -29.71 17.37
CA LEU C 50 22.16 -29.43 17.16
C LEU C 50 22.49 -27.95 17.31
N SER C 51 21.62 -27.09 16.78
CA SER C 51 21.85 -25.66 16.81
C SER C 51 21.56 -25.06 18.19
N ALA C 52 20.66 -25.68 18.93
CA ALA C 52 20.26 -25.19 20.24
C ALA C 52 21.36 -25.33 21.28
N THR C 53 22.31 -26.23 21.02
CA THR C 53 23.41 -26.47 21.94
C THR C 53 24.42 -25.32 21.90
N THR C 54 24.63 -24.76 20.73
CA THR C 54 25.59 -23.67 20.55
C THR C 54 24.93 -22.30 20.65
N GLY C 55 23.64 -22.24 20.35
CA GLY C 55 22.92 -20.99 20.36
C GLY C 55 23.24 -20.13 19.14
N GLN C 56 23.90 -20.73 18.17
CA GLN C 56 24.26 -20.01 16.94
C GLN C 56 23.56 -20.63 15.73
N ASP C 57 23.07 -19.78 14.83
CA ASP C 57 22.32 -20.23 13.68
C ASP C 57 23.18 -21.00 12.69
N LEU C 58 22.54 -21.88 11.93
CA LEU C 58 23.18 -22.56 10.81
C LEU C 58 23.52 -21.57 9.71
N LEU C 59 24.77 -21.59 9.25
CA LEU C 59 25.21 -20.70 8.19
C LEU C 59 25.05 -21.33 6.82
N LEU C 60 24.22 -20.71 5.98
CA LEU C 60 24.05 -21.16 4.61
C LEU C 60 25.01 -20.40 3.69
N ILE C 61 26.06 -21.08 3.24
CA ILE C 61 27.03 -20.46 2.34
C ILE C 61 26.63 -20.73 0.89
N THR C 62 26.22 -19.68 0.20
CA THR C 62 25.71 -19.80 -1.17
C THR C 62 26.79 -19.52 -2.21
N VAL C 63 26.87 -20.40 -3.21
CA VAL C 63 27.82 -20.23 -4.30
C VAL C 63 27.18 -19.52 -5.48
N LEU C 64 27.52 -18.25 -5.66
CA LEU C 64 26.98 -17.43 -6.75
C LEU C 64 27.38 -18.00 -8.12
N LYS C 65 26.52 -17.82 -9.13
CA LYS C 65 25.21 -17.20 -8.98
C LYS C 65 24.10 -18.25 -8.98
N GLY C 66 24.45 -19.44 -9.46
CA GLY C 66 23.46 -20.48 -9.71
C GLY C 66 22.62 -20.94 -8.54
N ALA C 67 23.14 -20.78 -7.33
CA ALA C 67 22.46 -21.32 -6.15
C ALA C 67 21.58 -20.29 -5.44
N VAL C 68 21.45 -19.11 -6.02
CA VAL C 68 20.73 -18.02 -5.36
C VAL C 68 19.22 -18.27 -5.28
N LEU C 69 18.62 -18.70 -6.39
CA LEU C 69 17.21 -19.03 -6.41
C LEU C 69 16.93 -20.15 -5.40
N PHE C 70 17.78 -21.17 -5.42
CA PHE C 70 17.65 -22.33 -4.56
C PHE C 70 17.72 -21.96 -3.07
N VAL C 71 18.72 -21.18 -2.68
CA VAL C 71 18.94 -20.89 -1.27
C VAL C 71 17.83 -20.01 -0.67
N THR C 72 17.22 -19.16 -1.49
CA THR C 72 16.17 -18.29 -0.97
C THR C 72 14.90 -19.09 -0.69
N ASP C 73 14.62 -20.09 -1.52
CA ASP C 73 13.48 -20.96 -1.30
C ASP C 73 13.79 -21.98 -0.20
N LEU C 74 15.02 -22.48 -0.18
CA LEU C 74 15.44 -23.48 0.79
C LEU C 74 15.42 -22.93 2.21
N ALA C 75 15.97 -21.73 2.38
CA ALA C 75 16.03 -21.10 3.71
C ALA C 75 14.63 -20.88 4.29
N ARG C 76 13.69 -20.54 3.43
CA ARG C 76 12.30 -20.35 3.86
C ARG C 76 11.64 -21.70 4.17
N ALA C 77 12.22 -22.79 3.68
CA ALA C 77 11.69 -24.12 3.92
C ALA C 77 12.33 -24.77 5.13
N ILE C 78 13.40 -24.18 5.63
CA ILE C 78 14.09 -24.69 6.82
C ILE C 78 13.53 -24.02 8.08
N PRO C 79 12.90 -24.82 8.96
CA PRO C 79 12.19 -24.32 10.14
C PRO C 79 13.10 -23.79 11.25
N VAL C 80 14.37 -24.16 11.24
CA VAL C 80 15.32 -23.63 12.22
C VAL C 80 15.99 -22.38 11.67
N PRO C 81 16.37 -21.44 12.57
CA PRO C 81 16.98 -20.18 12.14
C PRO C 81 18.27 -20.35 11.34
N THR C 82 18.38 -19.64 10.23
CA THR C 82 19.55 -19.71 9.37
C THR C 82 20.07 -18.32 9.02
N GLN C 83 21.32 -18.26 8.57
CA GLN C 83 21.92 -17.00 8.13
C GLN C 83 22.53 -17.17 6.73
N PHE C 84 22.59 -16.07 5.98
CA PHE C 84 23.07 -16.13 4.60
C PHE C 84 24.51 -15.67 4.45
N GLU C 85 25.27 -16.44 3.68
CA GLU C 85 26.58 -16.01 3.23
C GLU C 85 26.70 -16.32 1.75
N PHE C 86 27.53 -15.54 1.05
CA PHE C 86 27.65 -15.70 -0.39
C PHE C 86 29.12 -15.78 -0.81
N MET C 87 29.40 -16.64 -1.77
CA MET C 87 30.75 -16.80 -2.29
C MET C 87 30.74 -16.94 -3.81
N ALA C 88 31.80 -16.48 -4.45
CA ALA C 88 31.98 -16.68 -5.88
C ALA C 88 33.37 -17.21 -6.15
N VAL C 89 33.46 -18.31 -6.90
CA VAL C 89 34.74 -18.90 -7.23
C VAL C 89 34.90 -19.01 -8.75
N SER C 90 36.14 -19.06 -9.21
CA SER C 90 36.44 -19.13 -10.64
C SER C 90 36.29 -20.56 -11.16
N SER C 91 37.03 -20.85 -12.23
CA SER C 91 37.02 -22.18 -12.84
C SER C 91 38.21 -22.37 -13.76
N VAL C 102 41.28 -23.37 -9.31
CA VAL C 102 40.11 -22.79 -8.66
C VAL C 102 40.52 -21.74 -7.62
N ARG C 103 40.04 -20.52 -7.79
CA ARG C 103 40.35 -19.43 -6.87
C ARG C 103 39.09 -18.73 -6.40
N ILE C 104 39.22 -17.91 -5.35
CA ILE C 104 38.08 -17.19 -4.80
C ILE C 104 37.90 -15.82 -5.47
N LEU C 105 36.69 -15.56 -5.96
CA LEU C 105 36.36 -14.25 -6.51
C LEU C 105 35.70 -13.39 -5.44
N LYS C 106 34.63 -13.90 -4.84
CA LYS C 106 34.08 -13.28 -3.62
C LYS C 106 34.32 -14.19 -2.43
N ASP C 107 34.95 -13.65 -1.38
CA ASP C 107 35.24 -14.43 -0.19
C ASP C 107 34.21 -14.21 0.89
N LEU C 108 34.29 -14.99 1.96
CA LEU C 108 33.44 -14.82 3.13
C LEU C 108 33.85 -13.57 3.91
N ASP C 109 32.85 -12.79 4.28
CA ASP C 109 33.03 -11.58 5.09
C ASP C 109 33.12 -11.93 6.56
N ARG C 110 33.21 -13.22 6.86
CA ARG C 110 32.94 -13.70 8.21
C ARG C 110 33.72 -14.95 8.57
N ASP C 111 34.25 -14.96 9.79
CA ASP C 111 34.93 -16.14 10.32
C ASP C 111 33.90 -17.19 10.75
N ILE C 112 34.08 -18.42 10.28
CA ILE C 112 33.13 -19.48 10.55
C ILE C 112 33.67 -20.51 11.55
N HIS C 113 34.63 -20.08 12.37
CA HIS C 113 35.23 -20.96 13.37
C HIS C 113 34.20 -21.40 14.40
N GLY C 114 33.98 -22.71 14.51
CA GLY C 114 33.06 -23.26 15.48
C GLY C 114 31.60 -23.14 15.06
N ARG C 115 31.38 -22.70 13.82
CA ARG C 115 30.03 -22.54 13.31
C ARG C 115 29.57 -23.80 12.58
N ASP C 116 28.25 -23.99 12.52
CA ASP C 116 27.68 -25.05 11.71
C ASP C 116 27.40 -24.50 10.31
N VAL C 117 28.04 -25.07 9.31
CA VAL C 117 28.01 -24.53 7.95
C VAL C 117 27.43 -25.51 6.94
N LEU C 118 26.52 -25.03 6.11
CA LEU C 118 25.93 -25.84 5.04
C LEU C 118 26.19 -25.20 3.67
N ILE C 119 27.02 -25.85 2.87
CA ILE C 119 27.27 -25.38 1.51
C ILE C 119 26.04 -25.61 0.64
N VAL C 120 25.62 -24.57 -0.07
CA VAL C 120 24.44 -24.66 -0.92
C VAL C 120 24.82 -24.44 -2.39
N GLU C 121 24.71 -25.50 -3.19
CA GLU C 121 25.03 -25.43 -4.61
C GLU C 121 23.81 -25.70 -5.46
N ASP C 122 23.87 -25.28 -6.73
CA ASP C 122 22.81 -25.56 -7.68
C ASP C 122 23.00 -26.95 -8.29
N VAL C 123 24.23 -27.27 -8.69
CA VAL C 123 24.50 -28.56 -9.30
C VAL C 123 25.94 -29.00 -9.04
N VAL C 124 26.10 -30.28 -8.72
CA VAL C 124 27.41 -30.89 -8.60
C VAL C 124 27.59 -31.88 -9.75
N ASP C 125 28.67 -31.69 -10.52
CA ASP C 125 28.88 -32.48 -11.72
C ASP C 125 30.20 -33.25 -11.66
N SER C 126 31.29 -32.57 -11.98
CA SER C 126 32.61 -33.17 -11.87
C SER C 126 33.00 -33.31 -10.41
N GLY C 127 32.56 -32.35 -9.60
CA GLY C 127 32.82 -32.34 -8.18
C GLY C 127 34.04 -31.53 -7.81
N LEU C 128 34.70 -30.97 -8.81
CA LEU C 128 35.95 -30.23 -8.58
C LEU C 128 35.72 -28.92 -7.84
N THR C 129 34.60 -28.27 -8.11
CA THR C 129 34.26 -27.04 -7.40
C THR C 129 33.97 -27.35 -5.93
N LEU C 130 33.15 -28.36 -5.70
CA LEU C 130 32.78 -28.75 -4.34
C LEU C 130 33.98 -29.27 -3.56
N SER C 131 34.79 -30.10 -4.19
CA SER C 131 35.98 -30.67 -3.55
C SER C 131 36.89 -29.57 -3.03
N TRP C 132 37.20 -28.60 -3.89
CA TRP C 132 38.07 -27.50 -3.53
C TRP C 132 37.46 -26.62 -2.43
N LEU C 133 36.17 -26.31 -2.58
CA LEU C 133 35.50 -25.43 -1.65
C LEU C 133 35.33 -26.08 -0.28
N SER C 134 35.07 -27.39 -0.28
CA SER C 134 34.86 -28.12 0.96
C SER C 134 36.12 -28.11 1.83
N ARG C 135 37.27 -28.35 1.21
CA ARG C 135 38.52 -28.37 1.95
C ARG C 135 38.93 -26.96 2.38
N ASN C 136 38.61 -25.98 1.54
CA ASN C 136 38.90 -24.58 1.85
C ASN C 136 38.14 -24.10 3.09
N LEU C 137 36.89 -24.54 3.21
CA LEU C 137 36.04 -24.10 4.31
C LEU C 137 36.29 -24.91 5.58
N THR C 138 36.69 -26.17 5.44
CA THR C 138 37.02 -26.99 6.59
C THR C 138 38.33 -26.53 7.22
N SER C 139 39.15 -25.85 6.43
CA SER C 139 40.42 -25.31 6.92
C SER C 139 40.19 -24.10 7.81
N ARG C 140 38.94 -23.61 7.82
CA ARG C 140 38.55 -22.54 8.72
C ARG C 140 37.94 -23.15 9.98
N ASN C 141 37.98 -24.48 10.02
CA ASN C 141 37.51 -25.28 11.15
C ASN C 141 36.14 -24.90 11.71
N PRO C 142 35.08 -25.15 10.95
CA PRO C 142 33.72 -25.00 11.49
C PRO C 142 33.40 -26.16 12.42
N ARG C 143 32.37 -26.03 13.24
CA ARG C 143 31.98 -27.11 14.13
C ARG C 143 31.45 -28.31 13.34
N SER C 144 30.77 -28.00 12.24
CA SER C 144 30.24 -29.03 11.34
C SER C 144 30.01 -28.46 9.95
N LEU C 145 30.39 -29.24 8.94
CA LEU C 145 30.19 -28.82 7.55
C LEU C 145 29.43 -29.89 6.78
N ARG C 146 28.37 -29.48 6.08
CA ARG C 146 27.62 -30.38 5.22
C ARG C 146 27.34 -29.71 3.88
N VAL C 147 26.98 -30.53 2.89
CA VAL C 147 26.74 -30.02 1.54
C VAL C 147 25.31 -30.28 1.11
N CYS C 148 24.68 -29.28 0.51
CA CYS C 148 23.35 -29.43 -0.05
C CYS C 148 23.29 -28.90 -1.48
N THR C 149 23.02 -29.78 -2.43
CA THR C 149 22.88 -29.37 -3.82
C THR C 149 21.49 -29.73 -4.34
N LEU C 150 20.94 -28.85 -5.17
CA LEU C 150 19.64 -29.10 -5.78
C LEU C 150 19.74 -30.22 -6.80
N LEU C 151 20.82 -30.22 -7.58
CA LEU C 151 21.00 -31.19 -8.65
C LEU C 151 22.33 -31.92 -8.52
N ARG C 152 22.31 -33.20 -8.89
CA ARG C 152 23.55 -33.99 -8.94
C ARG C 152 23.57 -34.84 -10.21
N LYS C 153 24.68 -34.76 -10.93
CA LYS C 153 24.85 -35.51 -12.17
C LYS C 153 25.58 -36.83 -11.90
N PRO C 154 25.44 -37.82 -12.80
CA PRO C 154 25.95 -39.19 -12.57
C PRO C 154 27.41 -39.29 -12.13
N ASP C 155 28.26 -38.40 -12.61
CA ASP C 155 29.67 -38.43 -12.24
C ASP C 155 29.92 -37.75 -10.90
N ALA C 156 28.84 -37.34 -10.24
CA ALA C 156 28.93 -36.70 -8.93
C ALA C 156 28.25 -37.57 -7.87
N VAL C 157 27.55 -38.61 -8.31
CA VAL C 157 26.96 -39.56 -7.38
C VAL C 157 28.06 -40.38 -6.71
N HIS C 158 29.27 -40.27 -7.27
CA HIS C 158 30.47 -40.88 -6.72
C HIS C 158 30.71 -40.51 -5.26
N ASN C 160 34.28 -37.46 -3.72
CA ASN C 160 35.30 -36.73 -2.96
C ASN C 160 34.69 -36.16 -1.69
N VAL C 161 33.48 -35.62 -1.82
CA VAL C 161 32.81 -34.97 -0.71
C VAL C 161 31.44 -35.59 -0.46
N GLU C 162 31.12 -35.84 0.81
CA GLU C 162 29.82 -36.39 1.17
C GLU C 162 28.74 -35.32 1.00
N ILE C 163 27.69 -35.68 0.26
CA ILE C 163 26.57 -34.77 0.06
C ILE C 163 25.33 -35.30 0.77
N ALA C 164 25.04 -34.74 1.94
CA ALA C 164 23.94 -35.21 2.78
C ALA C 164 22.58 -34.92 2.16
N TYR C 165 22.49 -33.83 1.42
CA TYR C 165 21.20 -33.40 0.87
C TYR C 165 21.26 -33.20 -0.64
N VAL C 166 20.52 -34.05 -1.36
CA VAL C 166 20.44 -33.97 -2.81
C VAL C 166 18.99 -33.82 -3.24
N GLY C 167 18.70 -32.72 -3.94
CA GLY C 167 17.36 -32.49 -4.45
C GLY C 167 16.97 -33.50 -5.50
N PHE C 168 17.73 -33.54 -6.58
CA PHE C 168 17.44 -34.44 -7.70
C PHE C 168 18.70 -35.07 -8.29
N ASP C 169 18.64 -36.35 -8.61
CA ASP C 169 19.66 -36.99 -9.42
C ASP C 169 19.25 -36.93 -10.88
N ILE C 170 19.95 -36.13 -11.67
CA ILE C 170 19.59 -35.89 -13.06
C ILE C 170 20.64 -36.46 -14.01
N PRO C 171 20.27 -36.69 -15.28
CA PRO C 171 21.26 -37.13 -16.26
C PRO C 171 22.32 -36.08 -16.59
N ASN C 172 23.25 -36.42 -17.46
CA ASN C 172 24.40 -35.58 -17.76
C ASN C 172 24.08 -34.38 -18.66
N ASP C 173 22.89 -34.39 -19.25
CA ASP C 173 22.48 -33.36 -20.21
C ASP C 173 22.56 -31.94 -19.63
N PHE C 174 22.98 -30.99 -20.46
CA PHE C 174 23.09 -29.60 -20.03
C PHE C 174 21.70 -28.98 -19.86
N VAL C 175 21.44 -28.44 -18.68
CA VAL C 175 20.14 -27.86 -18.38
C VAL C 175 20.24 -26.43 -17.90
N VAL C 176 19.18 -25.66 -18.05
CA VAL C 176 19.14 -24.28 -17.58
C VAL C 176 17.89 -24.04 -16.76
N GLY C 177 17.83 -22.88 -16.10
CA GLY C 177 16.67 -22.52 -15.32
C GLY C 177 16.89 -22.63 -13.83
N TYR C 178 16.10 -21.86 -13.07
CA TYR C 178 16.17 -21.85 -11.61
C TYR C 178 17.59 -21.60 -11.11
N GLY C 179 18.22 -20.55 -11.64
CA GLY C 179 19.58 -20.22 -11.27
C GLY C 179 20.60 -20.71 -12.28
N LEU C 180 20.31 -21.86 -12.90
CA LEU C 180 21.21 -22.44 -13.90
C LEU C 180 21.20 -21.61 -15.18
N ASP C 181 22.38 -21.23 -15.64
CA ASP C 181 22.48 -20.33 -16.79
C ASP C 181 23.15 -20.96 -18.01
N TYR C 182 22.80 -20.43 -19.18
CA TYR C 182 23.64 -20.58 -20.35
C TYR C 182 24.07 -19.19 -20.79
N ASP C 183 25.37 -18.92 -20.69
CA ASP C 183 25.93 -17.61 -21.02
C ASP C 183 25.17 -16.49 -20.29
N GLU C 184 24.94 -16.71 -19.00
CA GLU C 184 24.31 -15.75 -18.08
C GLU C 184 22.80 -15.57 -18.32
N ARG C 185 22.23 -16.31 -19.24
CA ARG C 185 20.79 -16.24 -19.49
C ARG C 185 20.05 -17.42 -18.87
N TYR C 186 18.73 -17.30 -18.81
CA TYR C 186 17.81 -18.37 -18.37
C TYR C 186 17.82 -18.65 -16.86
N ARG C 187 18.55 -17.84 -16.09
CA ARG C 187 18.59 -18.03 -14.64
C ARG C 187 17.22 -17.80 -14.01
N ASP C 188 16.44 -16.91 -14.62
CA ASP C 188 15.18 -16.45 -14.04
C ASP C 188 14.01 -17.42 -14.25
N LEU C 189 14.24 -18.49 -15.00
CA LEU C 189 13.19 -19.48 -15.23
C LEU C 189 12.78 -20.15 -13.92
N SER C 190 11.48 -20.33 -13.73
CA SER C 190 10.96 -20.96 -12.52
C SER C 190 11.11 -22.47 -12.55
N TYR C 191 11.48 -23.00 -13.72
CA TYR C 191 11.65 -24.43 -13.91
C TYR C 191 13.05 -24.75 -14.42
N ILE C 192 13.35 -26.04 -14.54
CA ILE C 192 14.61 -26.48 -15.11
C ILE C 192 14.36 -27.28 -16.38
N GLY C 193 15.01 -26.88 -17.47
CA GLY C 193 14.81 -27.54 -18.75
C GLY C 193 16.03 -27.55 -19.65
N THR C 194 15.91 -28.20 -20.79
CA THR C 194 17.00 -28.30 -21.75
C THR C 194 16.78 -27.35 -22.92
N LEU C 195 17.88 -26.82 -23.47
CA LEU C 195 17.82 -25.86 -24.56
C LEU C 195 17.72 -26.54 -25.92
N ASP C 196 17.12 -25.83 -26.87
CA ASP C 196 17.13 -26.25 -28.26
C ASP C 196 18.54 -26.03 -28.81
N PRO C 197 19.08 -27.02 -29.53
CA PRO C 197 20.47 -26.97 -30.03
C PRO C 197 20.80 -25.72 -30.85
N ARG C 198 19.79 -25.00 -31.34
CA ARG C 198 20.02 -23.78 -32.11
C ARG C 198 20.56 -22.65 -31.23
N VAL C 199 20.40 -22.77 -29.93
CA VAL C 199 20.83 -21.73 -29.00
C VAL C 199 22.35 -21.67 -28.91
N TYR C 200 23.01 -22.79 -29.16
CA TYR C 200 24.47 -22.89 -29.03
C TYR C 200 25.23 -22.25 -30.19
N GLN C 201 24.51 -21.78 -31.21
CA GLN C 201 25.12 -21.16 -32.38
C GLN C 201 25.96 -19.94 -32.01
N LEU D 17 4.06 -20.60 14.74
CA LEU D 17 4.84 -20.05 15.84
C LEU D 17 5.89 -19.05 15.32
N TYR D 18 5.88 -17.86 15.91
CA TYR D 18 6.83 -16.81 15.56
C TYR D 18 8.00 -16.80 16.55
N PRO D 19 9.19 -16.40 16.08
CA PRO D 19 10.33 -16.19 16.97
C PRO D 19 9.99 -15.16 18.06
N GLY D 20 10.55 -15.34 19.25
CA GLY D 20 10.20 -14.52 20.40
C GLY D 20 10.37 -13.02 20.23
N ASP D 21 11.32 -12.62 19.40
CA ASP D 21 11.60 -11.19 19.23
C ASP D 21 10.77 -10.55 18.14
N ILE D 22 9.79 -11.29 17.62
CA ILE D 22 8.85 -10.72 16.66
C ILE D 22 7.63 -10.16 17.39
N LYS D 23 7.53 -8.84 17.43
CA LYS D 23 6.43 -8.16 18.11
C LYS D 23 5.12 -8.37 17.35
N SER D 24 5.16 -8.11 16.05
CA SER D 24 3.98 -8.24 15.20
C SER D 24 4.39 -8.44 13.74
N VAL D 25 3.44 -8.86 12.92
CA VAL D 25 3.69 -9.08 11.51
C VAL D 25 3.32 -7.85 10.68
N LEU D 26 4.33 -7.20 10.10
CA LEU D 26 4.10 -6.04 9.25
C LEU D 26 3.50 -6.46 7.91
N LEU D 27 4.12 -7.46 7.29
CA LEU D 27 3.67 -7.98 6.01
C LEU D 27 3.74 -9.50 6.00
N THR D 28 2.60 -10.15 5.71
CA THR D 28 2.58 -11.60 5.59
C THR D 28 3.24 -12.02 4.28
N ALA D 29 3.52 -13.31 4.15
CA ALA D 29 4.10 -13.85 2.93
C ALA D 29 3.19 -13.59 1.74
N GLU D 30 1.88 -13.73 1.94
CA GLU D 30 0.92 -13.54 0.87
C GLU D 30 0.86 -12.08 0.39
N GLN D 31 0.96 -11.15 1.32
CA GLN D 31 0.94 -9.73 0.98
C GLN D 31 2.17 -9.36 0.14
N ILE D 32 3.31 -9.90 0.51
CA ILE D 32 4.56 -9.64 -0.19
C ILE D 32 4.52 -10.19 -1.61
N GLN D 33 4.09 -11.43 -1.76
N GLN D 33 4.09 -11.44 -1.76
CA GLN D 33 4.01 -12.08 -3.06
CA GLN D 33 4.02 -12.06 -3.07
C GLN D 33 2.97 -11.43 -3.97
C GLN D 33 2.99 -11.36 -3.97
N ALA D 34 1.90 -10.91 -3.37
CA ALA D 34 0.85 -10.21 -4.12
C ALA D 34 1.36 -8.91 -4.73
N ARG D 35 2.12 -8.15 -3.94
CA ARG D 35 2.69 -6.89 -4.40
C ARG D 35 3.79 -7.11 -5.44
N ILE D 36 4.60 -8.13 -5.21
CA ILE D 36 5.69 -8.47 -6.12
C ILE D 36 5.15 -8.81 -7.51
N ALA D 37 4.02 -9.50 -7.55
CA ALA D 37 3.35 -9.81 -8.81
C ALA D 37 2.96 -8.54 -9.55
N GLU D 38 2.49 -7.54 -8.80
CA GLU D 38 2.12 -6.24 -9.36
C GLU D 38 3.34 -5.52 -9.91
N LEU D 39 4.41 -5.50 -9.12
CA LEU D 39 5.67 -4.88 -9.53
C LEU D 39 6.27 -5.59 -10.73
N GLY D 40 6.26 -6.93 -10.69
CA GLY D 40 6.79 -7.73 -11.77
C GLY D 40 6.11 -7.43 -13.09
N GLU D 41 4.77 -7.39 -13.08
CA GLU D 41 4.01 -7.10 -14.28
C GLU D 41 4.26 -5.66 -14.76
N GLN D 42 4.42 -4.75 -13.82
CA GLN D 42 4.68 -3.35 -14.15
C GLN D 42 6.06 -3.16 -14.77
N ILE D 43 7.06 -3.82 -14.19
CA ILE D 43 8.42 -3.77 -14.72
C ILE D 43 8.47 -4.38 -16.12
N GLY D 44 7.74 -5.47 -16.31
CA GLY D 44 7.66 -6.13 -17.60
C GLY D 44 7.13 -5.22 -18.70
N ASN D 45 6.06 -4.49 -18.39
CA ASN D 45 5.47 -3.56 -19.34
C ASN D 45 6.39 -2.37 -19.63
N ASP D 46 7.25 -2.05 -18.68
CA ASP D 46 8.17 -0.92 -18.83
C ASP D 46 9.39 -1.27 -19.69
N TYR D 47 9.73 -2.55 -19.76
CA TYR D 47 10.96 -2.96 -20.42
C TYR D 47 10.78 -3.93 -21.60
N ARG D 48 9.54 -4.33 -21.87
CA ARG D 48 9.29 -5.35 -22.89
C ARG D 48 9.71 -4.91 -24.30
N GLU D 49 9.10 -3.84 -24.80
CA GLU D 49 9.42 -3.35 -26.13
C GLU D 49 10.84 -2.79 -26.19
N LEU D 50 11.31 -2.30 -25.06
CA LEU D 50 12.66 -1.75 -24.96
C LEU D 50 13.72 -2.85 -25.15
N SER D 51 13.54 -3.96 -24.44
CA SER D 51 14.48 -5.08 -24.50
C SER D 51 14.50 -5.70 -25.90
N ALA D 52 13.36 -5.68 -26.57
CA ALA D 52 13.25 -6.24 -27.91
C ALA D 52 14.04 -5.41 -28.93
N THR D 53 14.26 -4.14 -28.60
CA THR D 53 14.96 -3.22 -29.49
C THR D 53 16.48 -3.36 -29.34
N THR D 54 16.95 -3.43 -28.11
CA THR D 54 18.39 -3.48 -27.83
C THR D 54 18.97 -4.88 -28.02
N GLY D 55 18.12 -5.89 -27.86
CA GLY D 55 18.57 -7.27 -27.98
C GLY D 55 19.28 -7.76 -26.73
N GLN D 56 19.23 -6.96 -25.67
CA GLN D 56 19.86 -7.31 -24.41
C GLN D 56 18.84 -7.38 -23.28
N ASP D 57 19.04 -8.33 -22.36
CA ASP D 57 18.08 -8.55 -21.27
C ASP D 57 18.18 -7.49 -20.19
N LEU D 58 17.09 -7.31 -19.46
CA LEU D 58 17.07 -6.43 -18.29
C LEU D 58 18.00 -6.96 -17.20
N LEU D 59 18.88 -6.10 -16.71
CA LEU D 59 19.84 -6.51 -15.70
C LEU D 59 19.41 -6.11 -14.29
N LEU D 60 19.29 -7.08 -13.40
CA LEU D 60 18.94 -6.83 -12.02
C LEU D 60 20.17 -6.80 -11.14
N ILE D 61 20.47 -5.63 -10.57
CA ILE D 61 21.60 -5.50 -9.67
C ILE D 61 21.13 -5.59 -8.22
N THR D 62 21.43 -6.72 -7.59
CA THR D 62 20.98 -6.98 -6.23
C THR D 62 21.97 -6.43 -5.20
N VAL D 63 21.45 -5.72 -4.21
CA VAL D 63 22.28 -5.22 -3.12
C VAL D 63 22.24 -6.20 -1.95
N LEU D 64 23.29 -7.00 -1.82
CA LEU D 64 23.40 -8.00 -0.76
C LEU D 64 23.46 -7.34 0.61
N LYS D 65 22.95 -8.01 1.64
CA LYS D 65 22.30 -9.31 1.51
C LYS D 65 20.79 -9.18 1.55
N GLY D 66 20.30 -8.02 2.00
CA GLY D 66 18.89 -7.82 2.27
C GLY D 66 17.94 -8.03 1.12
N ALA D 67 18.40 -7.80 -0.11
CA ALA D 67 17.52 -7.84 -1.27
C ALA D 67 17.55 -9.16 -2.02
N VAL D 68 18.19 -10.17 -1.44
CA VAL D 68 18.40 -11.45 -2.14
C VAL D 68 17.09 -12.24 -2.30
N LEU D 69 16.28 -12.30 -1.25
CA LEU D 69 14.98 -12.97 -1.36
C LEU D 69 14.07 -12.18 -2.30
N PHE D 70 14.10 -10.86 -2.16
CA PHE D 70 13.27 -9.97 -2.96
C PHE D 70 13.55 -10.14 -4.45
N VAL D 71 14.83 -10.25 -4.83
CA VAL D 71 15.18 -10.28 -6.25
C VAL D 71 14.86 -11.62 -6.91
N THR D 72 14.88 -12.71 -6.15
CA THR D 72 14.57 -14.02 -6.73
C THR D 72 13.08 -14.15 -6.97
N ASP D 73 12.28 -13.62 -6.07
CA ASP D 73 10.83 -13.62 -6.24
C ASP D 73 10.41 -12.61 -7.30
N LEU D 74 11.10 -11.47 -7.34
CA LEU D 74 10.80 -10.43 -8.31
C LEU D 74 11.11 -10.88 -9.72
N ALA D 75 12.30 -11.44 -9.93
CA ALA D 75 12.72 -11.91 -11.24
C ALA D 75 11.75 -12.94 -11.81
N ARG D 76 11.24 -13.80 -10.94
CA ARG D 76 10.27 -14.82 -11.36
C ARG D 76 8.88 -14.23 -11.58
N ALA D 77 8.70 -12.97 -11.22
CA ALA D 77 7.43 -12.29 -11.41
C ALA D 77 7.49 -11.36 -12.62
N ILE D 78 8.70 -11.09 -13.09
CA ILE D 78 8.90 -10.22 -14.25
C ILE D 78 8.82 -11.03 -15.54
N PRO D 79 7.80 -10.78 -16.35
CA PRO D 79 7.51 -11.57 -17.56
C PRO D 79 8.41 -11.25 -18.76
N VAL D 80 9.58 -10.68 -18.50
CA VAL D 80 10.60 -10.54 -19.54
C VAL D 80 11.91 -11.10 -19.02
N PRO D 81 12.79 -11.57 -19.93
CA PRO D 81 14.09 -12.12 -19.51
C PRO D 81 14.88 -11.16 -18.62
N THR D 82 15.38 -11.66 -17.50
CA THR D 82 16.20 -10.86 -16.59
C THR D 82 17.50 -11.58 -16.22
N GLN D 83 18.55 -10.80 -16.02
CA GLN D 83 19.83 -11.37 -15.60
C GLN D 83 20.20 -10.90 -14.20
N PHE D 84 20.91 -11.74 -13.46
CA PHE D 84 21.29 -11.43 -12.08
C PHE D 84 22.71 -10.92 -11.95
N GLU D 85 22.88 -9.86 -11.18
CA GLU D 85 24.19 -9.40 -10.73
C GLU D 85 24.10 -9.06 -9.25
N PHE D 86 25.20 -9.19 -8.53
CA PHE D 86 25.18 -8.99 -7.09
C PHE D 86 26.27 -8.01 -6.65
N MET D 87 25.90 -7.08 -5.80
CA MET D 87 26.85 -6.14 -5.21
C MET D 87 26.69 -6.08 -3.70
N ALA D 88 27.77 -5.76 -3.01
CA ALA D 88 27.73 -5.57 -1.57
C ALA D 88 28.58 -4.35 -1.17
N VAL D 89 27.96 -3.40 -0.48
CA VAL D 89 28.66 -2.21 -0.04
C VAL D 89 28.68 -2.10 1.48
N SER D 90 29.58 -1.28 2.00
CA SER D 90 29.74 -1.13 3.45
C SER D 90 28.80 -0.08 4.02
N SER D 91 28.90 0.15 5.32
CA SER D 91 28.09 1.15 6.00
C SER D 91 28.92 2.36 6.37
N VAL D 102 30.42 3.15 1.56
CA VAL D 102 31.73 3.79 1.41
C VAL D 102 32.66 2.94 0.55
N ARG D 103 32.81 1.67 0.92
CA ARG D 103 33.64 0.75 0.16
C ARG D 103 32.81 -0.38 -0.46
N ILE D 104 33.33 -0.97 -1.53
CA ILE D 104 32.66 -2.07 -2.20
C ILE D 104 33.23 -3.42 -1.76
N LEU D 105 32.42 -4.19 -1.06
CA LEU D 105 32.81 -5.53 -0.61
C LEU D 105 32.75 -6.54 -1.77
N LYS D 106 31.59 -6.59 -2.44
CA LYS D 106 31.40 -7.31 -3.72
C LYS D 106 31.11 -6.40 -4.89
N ASP D 107 31.93 -6.47 -5.93
CA ASP D 107 31.68 -5.68 -7.12
C ASP D 107 30.97 -6.49 -8.21
N LEU D 108 30.51 -5.79 -9.25
CA LEU D 108 29.85 -6.42 -10.40
C LEU D 108 30.79 -7.37 -11.13
N ASP D 109 30.23 -8.42 -11.71
CA ASP D 109 31.01 -9.43 -12.42
C ASP D 109 31.17 -9.06 -13.89
N ARG D 110 30.28 -8.22 -14.39
CA ARG D 110 30.31 -7.84 -15.81
C ARG D 110 30.16 -6.34 -16.00
N ASP D 111 30.61 -5.85 -17.15
CA ASP D 111 30.50 -4.44 -17.50
C ASP D 111 29.06 -4.12 -17.93
N ILE D 112 28.51 -3.02 -17.40
CA ILE D 112 27.12 -2.68 -17.64
C ILE D 112 26.97 -1.55 -18.67
N HIS D 113 28.02 -1.33 -19.47
CA HIS D 113 28.00 -0.28 -20.48
C HIS D 113 26.93 -0.54 -21.53
N GLY D 114 26.00 0.40 -21.67
CA GLY D 114 24.95 0.28 -22.66
C GLY D 114 23.86 -0.70 -22.28
N ARG D 115 23.88 -1.14 -21.02
CA ARG D 115 22.87 -2.06 -20.53
C ARG D 115 21.74 -1.33 -19.80
N ASP D 116 20.58 -1.97 -19.73
CA ASP D 116 19.48 -1.43 -18.95
C ASP D 116 19.49 -2.04 -17.56
N VAL D 117 19.74 -1.20 -16.56
CA VAL D 117 20.01 -1.68 -15.21
C VAL D 117 18.92 -1.29 -14.23
N LEU D 118 18.49 -2.25 -13.42
CA LEU D 118 17.53 -2.00 -12.36
C LEU D 118 18.12 -2.36 -11.00
N ILE D 119 18.40 -1.34 -10.19
CA ILE D 119 18.90 -1.57 -8.84
C ILE D 119 17.80 -2.15 -7.95
N VAL D 120 18.09 -3.28 -7.32
CA VAL D 120 17.10 -3.94 -6.46
C VAL D 120 17.52 -3.88 -5.00
N GLU D 121 16.74 -3.16 -4.19
CA GLU D 121 17.03 -3.00 -2.77
C GLU D 121 15.91 -3.53 -1.89
N ASP D 122 16.24 -3.83 -0.63
CA ASP D 122 15.24 -4.26 0.34
C ASP D 122 14.55 -3.06 0.97
N VAL D 123 15.32 -2.04 1.33
CA VAL D 123 14.76 -0.85 1.96
C VAL D 123 15.59 0.39 1.67
N VAL D 124 14.90 1.50 1.38
CA VAL D 124 15.55 2.80 1.27
C VAL D 124 15.10 3.66 2.44
N ASP D 125 16.07 4.09 3.25
CA ASP D 125 15.79 4.83 4.48
C ASP D 125 16.26 6.27 4.35
N SER D 126 17.54 6.51 4.64
CA SER D 126 18.12 7.85 4.50
C SER D 126 18.35 8.19 3.04
N GLY D 127 18.53 7.15 2.21
CA GLY D 127 18.83 7.33 0.81
C GLY D 127 20.32 7.39 0.54
N LEU D 128 21.11 7.27 1.60
CA LEU D 128 22.57 7.35 1.52
C LEU D 128 23.16 6.25 0.63
N THR D 129 22.76 5.01 0.88
CA THR D 129 23.26 3.87 0.13
C THR D 129 22.90 3.96 -1.34
N LEU D 130 21.63 4.29 -1.61
CA LEU D 130 21.15 4.40 -2.98
C LEU D 130 21.85 5.52 -3.73
N SER D 131 22.09 6.63 -3.03
CA SER D 131 22.76 7.79 -3.62
C SER D 131 24.18 7.42 -4.06
N TRP D 132 24.88 6.68 -3.20
CA TRP D 132 26.25 6.28 -3.49
C TRP D 132 26.30 5.27 -4.63
N LEU D 133 25.39 4.31 -4.60
CA LEU D 133 25.33 3.27 -5.64
C LEU D 133 24.98 3.84 -7.00
N SER D 134 24.02 4.76 -7.03
CA SER D 134 23.61 5.40 -8.27
C SER D 134 24.79 6.13 -8.92
N ARG D 135 25.50 6.91 -8.11
CA ARG D 135 26.66 7.65 -8.58
C ARG D 135 27.75 6.71 -9.10
N ASN D 136 27.91 5.58 -8.43
CA ASN D 136 28.93 4.62 -8.80
C ASN D 136 28.58 3.83 -10.07
N LEU D 137 27.29 3.58 -10.26
CA LEU D 137 26.83 2.79 -11.40
C LEU D 137 26.60 3.63 -12.65
N THR D 138 26.18 4.88 -12.48
CA THR D 138 25.96 5.76 -13.62
C THR D 138 27.28 6.15 -14.28
N SER D 139 28.37 6.04 -13.54
CA SER D 139 29.69 6.36 -14.08
C SER D 139 30.26 5.19 -14.87
N ARG D 140 29.44 4.16 -15.07
CA ARG D 140 29.82 3.02 -15.91
C ARG D 140 29.03 3.10 -17.21
N ASN D 141 28.23 4.16 -17.33
CA ASN D 141 27.42 4.45 -18.51
C ASN D 141 26.50 3.32 -18.97
N PRO D 142 25.51 2.96 -18.15
CA PRO D 142 24.47 2.07 -18.65
C PRO D 142 23.47 2.86 -19.49
N ARG D 143 22.69 2.19 -20.32
CA ARG D 143 21.70 2.88 -21.14
C ARG D 143 20.61 3.49 -20.25
N SER D 144 20.20 2.74 -19.24
CA SER D 144 19.25 3.23 -18.26
C SER D 144 19.58 2.68 -16.87
N LEU D 145 19.33 3.51 -15.85
CA LEU D 145 19.60 3.15 -14.48
C LEU D 145 18.41 3.53 -13.60
N ARG D 146 17.62 2.53 -13.21
CA ARG D 146 16.43 2.77 -12.40
C ARG D 146 16.46 1.96 -11.11
N VAL D 147 15.57 2.31 -10.18
CA VAL D 147 15.60 1.72 -8.84
C VAL D 147 14.29 1.02 -8.46
N CYS D 148 14.41 -0.17 -7.89
CA CYS D 148 13.25 -0.88 -7.35
C CYS D 148 13.52 -1.34 -5.92
N THR D 149 12.76 -0.80 -4.97
CA THR D 149 12.89 -1.22 -3.58
C THR D 149 11.60 -1.83 -3.06
N LEU D 150 11.72 -2.82 -2.19
CA LEU D 150 10.56 -3.45 -1.58
C LEU D 150 9.93 -2.52 -0.55
N LEU D 151 10.77 -1.87 0.25
CA LEU D 151 10.31 -1.01 1.33
C LEU D 151 10.92 0.37 1.26
N ARG D 152 10.17 1.37 1.72
CA ARG D 152 10.68 2.73 1.81
C ARG D 152 10.23 3.40 3.11
N LYS D 153 11.18 4.02 3.81
CA LYS D 153 10.90 4.70 5.06
C LYS D 153 10.77 6.21 4.83
N PRO D 154 10.05 6.92 5.71
CA PRO D 154 9.65 8.32 5.46
C PRO D 154 10.78 9.28 5.11
N ASP D 155 11.99 9.06 5.63
CA ASP D 155 13.09 9.97 5.35
C ASP D 155 13.43 10.01 3.86
N ALA D 156 13.21 8.90 3.17
CA ALA D 156 13.42 8.85 1.72
C ALA D 156 12.38 9.69 1.00
N VAL D 157 11.19 9.78 1.59
CA VAL D 157 10.13 10.62 1.04
C VAL D 157 10.47 12.09 1.21
N HIS D 158 10.90 12.45 2.42
CA HIS D 158 11.32 13.82 2.71
C HIS D 158 12.43 14.27 1.77
N ALA D 159 13.41 13.38 1.55
CA ALA D 159 14.57 13.70 0.72
C ALA D 159 14.23 13.67 -0.76
N ASN D 160 12.99 13.28 -1.08
CA ASN D 160 12.50 13.25 -2.45
C ASN D 160 13.35 12.35 -3.34
N VAL D 161 13.82 11.23 -2.78
CA VAL D 161 14.62 10.28 -3.52
C VAL D 161 13.84 9.69 -4.68
N GLU D 162 14.40 9.79 -5.88
CA GLU D 162 13.74 9.27 -7.08
C GLU D 162 13.81 7.76 -7.12
N ILE D 163 12.65 7.11 -6.96
CA ILE D 163 12.58 5.66 -7.01
C ILE D 163 11.42 5.22 -7.91
N ALA D 164 11.75 4.51 -8.98
CA ALA D 164 10.76 4.09 -9.96
C ALA D 164 9.73 3.11 -9.38
N TYR D 165 10.21 2.12 -8.65
CA TYR D 165 9.31 1.10 -8.09
C TYR D 165 9.44 0.99 -6.58
N VAL D 166 8.31 1.08 -5.89
CA VAL D 166 8.28 0.93 -4.44
C VAL D 166 7.19 -0.05 -4.04
N GLY D 167 7.59 -1.13 -3.37
CA GLY D 167 6.64 -2.12 -2.91
C GLY D 167 5.72 -1.54 -1.85
N PHE D 168 6.30 -1.06 -0.76
CA PHE D 168 5.52 -0.54 0.35
C PHE D 168 6.20 0.67 1.01
N ASP D 169 5.39 1.68 1.35
CA ASP D 169 5.84 2.71 2.27
C ASP D 169 5.58 2.23 3.70
N ILE D 170 6.60 2.29 4.54
CA ILE D 170 6.48 1.82 5.93
C ILE D 170 6.95 2.90 6.91
N PRO D 171 6.50 2.80 8.17
CA PRO D 171 7.00 3.74 9.19
C PRO D 171 8.44 3.44 9.60
N ASN D 172 8.98 4.22 10.53
CA ASN D 172 10.39 4.14 10.90
C ASN D 172 10.79 2.91 11.70
N ASP D 173 9.80 2.16 12.17
CA ASP D 173 10.04 0.98 13.02
C ASP D 173 11.02 0.00 12.37
N PHE D 174 11.93 -0.54 13.17
CA PHE D 174 12.90 -1.51 12.68
C PHE D 174 12.22 -2.84 12.41
N VAL D 175 12.40 -3.35 11.19
CA VAL D 175 11.77 -4.60 10.80
C VAL D 175 12.80 -5.65 10.39
N VAL D 176 12.43 -6.92 10.52
CA VAL D 176 13.28 -8.02 10.07
C VAL D 176 12.44 -9.00 9.25
N GLY D 177 13.12 -9.94 8.59
CA GLY D 177 12.44 -10.94 7.79
C GLY D 177 12.53 -10.65 6.31
N TYR D 178 12.37 -11.71 5.51
CA TYR D 178 12.42 -11.60 4.05
C TYR D 178 13.67 -10.84 3.58
N GLY D 179 14.83 -11.27 4.08
CA GLY D 179 16.08 -10.63 3.74
C GLY D 179 16.54 -9.61 4.76
N LEU D 180 15.58 -8.96 5.41
CA LEU D 180 15.87 -7.96 6.44
C LEU D 180 16.40 -8.63 7.70
N ASP D 181 17.46 -8.07 8.27
CA ASP D 181 18.14 -8.72 9.39
C ASP D 181 18.26 -7.87 10.64
N TYR D 182 18.43 -8.54 11.77
CA TYR D 182 18.96 -7.91 12.97
C TYR D 182 20.21 -8.67 13.38
N ASP D 183 21.36 -8.06 13.13
CA ASP D 183 22.66 -8.69 13.35
C ASP D 183 22.72 -10.05 12.63
N GLU D 184 22.44 -10.01 11.34
CA GLU D 184 22.51 -11.17 10.44
C GLU D 184 21.45 -12.24 10.70
N ARG D 185 20.57 -12.02 11.66
CA ARG D 185 19.52 -13.00 11.97
C ARG D 185 18.20 -12.63 11.30
N TYR D 186 17.31 -13.62 11.22
CA TYR D 186 15.92 -13.44 10.77
C TYR D 186 15.77 -13.14 9.28
N ARG D 187 16.83 -13.28 8.49
CA ARG D 187 16.72 -13.05 7.05
C ARG D 187 15.85 -14.11 6.37
N ASP D 188 15.76 -15.28 6.99
CA ASP D 188 15.12 -16.43 6.37
C ASP D 188 13.61 -16.50 6.62
N LEU D 189 13.07 -15.49 7.29
CA LEU D 189 11.63 -15.45 7.55
C LEU D 189 10.87 -15.16 6.26
N SER D 190 9.77 -15.89 6.04
CA SER D 190 8.97 -15.72 4.83
C SER D 190 8.14 -14.43 4.87
N TYR D 191 8.11 -13.80 6.04
CA TYR D 191 7.33 -12.59 6.26
C TYR D 191 8.22 -11.47 6.78
N ILE D 192 7.69 -10.25 6.82
CA ILE D 192 8.40 -9.14 7.42
C ILE D 192 7.72 -8.73 8.72
N GLY D 193 8.45 -8.84 9.82
CA GLY D 193 7.90 -8.56 11.12
C GLY D 193 8.57 -7.40 11.82
N THR D 194 7.82 -6.72 12.69
CA THR D 194 8.36 -5.66 13.50
C THR D 194 9.15 -6.24 14.66
N LEU D 195 10.44 -5.90 14.72
CA LEU D 195 11.31 -6.41 15.77
C LEU D 195 10.87 -5.87 17.14
N ASP D 196 10.85 -6.75 18.13
CA ASP D 196 10.51 -6.37 19.49
C ASP D 196 11.47 -5.30 19.99
N PRO D 197 10.95 -4.11 20.30
CA PRO D 197 11.78 -2.99 20.79
C PRO D 197 12.54 -3.31 22.08
N ARG D 198 12.30 -4.48 22.65
CA ARG D 198 12.97 -4.91 23.87
C ARG D 198 14.37 -5.48 23.60
N VAL D 199 14.82 -5.40 22.35
CA VAL D 199 16.16 -5.91 22.02
C VAL D 199 17.00 -4.90 21.22
N TYR D 200 16.36 -4.07 20.41
CA TYR D 200 17.10 -3.12 19.57
C TYR D 200 17.56 -1.93 20.40
#